data_5OVK
#
_entry.id   5OVK
#
_cell.length_a   59.190
_cell.length_b   69.350
_cell.length_c   106.940
_cell.angle_alpha   90.00
_cell.angle_beta   91.85
_cell.angle_gamma   90.00
#
_symmetry.space_group_name_H-M   'P 1 21 1'
#
loop_
_entity.id
_entity.type
_entity.pdbx_description
1 polymer '3-oxoacyl-[acyl-carrier-protein] reductase FabG'
2 non-polymer 'NADPH DIHYDRO-NICOTINAMIDE-ADENINE-DINUCLEOTIDE PHOSPHATE'
3 water water
#
_entity_poly.entity_id   1
_entity_poly.type   'polypeptide(L)'
_entity_poly.pdbx_seq_one_letter_code
;GMTVTDNPADTAGEATAGRPAFVSRSVLVTGGNRGIGLAIARRLAADGHKVAVTHRGSGAPDDLFGVQCDVTDSAAVDRA
FKEVEEHQGPVEVLVANAGISKDAFLMRMTEERFEEVINTNLTGAFRCAQRASRTMQRKRFGRIIFIGSVSGMWGIGNQA
NYAAAKAGLIGMARSISRELAKAGVTANVVAPGYIDTEMTRALDERIQAGALDFIPAKRVGTAEEVAGAVSFLASEDASY
IAGAVIPVDGGMGMGH
;
_entity_poly.pdbx_strand_id   A,B,C,D
#
# COMPACT_ATOMS: atom_id res chain seq x y z
N ALA A 15 0.38 -32.89 -11.99
CA ALA A 15 0.31 -31.47 -12.28
C ALA A 15 0.93 -31.15 -13.64
N THR A 16 0.20 -30.44 -14.48
CA THR A 16 0.75 -30.04 -15.77
C THR A 16 1.79 -28.94 -15.57
N ALA A 17 2.88 -29.02 -16.34
CA ALA A 17 3.98 -28.07 -16.17
C ALA A 17 3.69 -26.73 -16.83
N GLY A 18 3.05 -26.74 -17.99
CA GLY A 18 2.92 -25.55 -18.81
C GLY A 18 1.65 -24.76 -18.56
N ARG A 19 1.41 -23.81 -19.45
CA ARG A 19 0.23 -22.98 -19.34
C ARG A 19 -1.02 -23.87 -19.25
N PRO A 20 -1.89 -23.65 -18.27
CA PRO A 20 -3.08 -24.49 -18.14
C PRO A 20 -3.91 -24.47 -19.42
N ALA A 21 -4.64 -25.57 -19.65
CA ALA A 21 -5.51 -25.65 -20.80
C ALA A 21 -6.47 -24.46 -20.86
N PHE A 22 -6.56 -23.84 -22.03
CA PHE A 22 -7.40 -22.67 -22.18
C PHE A 22 -8.88 -23.03 -22.06
N VAL A 23 -9.63 -22.18 -21.35
CA VAL A 23 -11.08 -22.26 -21.27
C VAL A 23 -11.67 -20.98 -21.86
N SER A 24 -12.58 -21.13 -22.82
CA SER A 24 -13.19 -19.97 -23.47
C SER A 24 -14.30 -19.42 -22.59
N ARG A 25 -14.09 -18.22 -22.06
CA ARG A 25 -15.04 -17.61 -21.13
C ARG A 25 -15.96 -16.64 -21.86
N SER A 26 -17.17 -16.51 -21.33
CA SER A 26 -18.06 -15.43 -21.75
C SER A 26 -17.60 -14.14 -21.08
N VAL A 27 -17.15 -13.18 -21.89
CA VAL A 27 -16.57 -11.93 -21.42
C VAL A 27 -17.49 -10.78 -21.80
N LEU A 28 -17.64 -9.82 -20.89
CA LEU A 28 -18.24 -8.52 -21.21
C LEU A 28 -17.26 -7.43 -20.81
N VAL A 29 -16.90 -6.57 -21.77
CA VAL A 29 -16.06 -5.41 -21.51
C VAL A 29 -16.93 -4.17 -21.60
N THR A 30 -17.23 -3.54 -20.45
CA THR A 30 -17.90 -2.25 -20.51
C THR A 30 -16.91 -1.18 -20.96
N GLY A 31 -17.40 -0.21 -21.71
CA GLY A 31 -16.47 0.70 -22.35
C GLY A 31 -15.54 -0.02 -23.30
N GLY A 32 -16.01 -1.11 -23.91
CA GLY A 32 -15.17 -1.93 -24.76
C GLY A 32 -15.26 -1.60 -26.23
N ASN A 33 -15.97 -0.54 -26.59
CA ASN A 33 -16.22 -0.22 -27.99
C ASN A 33 -15.20 0.73 -28.60
N ARG A 34 -14.31 1.32 -27.80
CA ARG A 34 -13.30 2.20 -28.35
C ARG A 34 -12.11 2.26 -27.41
N GLY A 35 -10.97 2.74 -27.93
CA GLY A 35 -9.84 3.08 -27.10
C GLY A 35 -9.23 1.91 -26.37
N ILE A 36 -8.85 2.14 -25.11
CA ILE A 36 -8.22 1.11 -24.30
C ILE A 36 -9.15 -0.10 -24.12
N GLY A 37 -10.43 0.16 -23.88
CA GLY A 37 -11.38 -0.92 -23.72
C GLY A 37 -11.50 -1.79 -24.97
N LEU A 38 -11.40 -1.17 -26.14
CA LEU A 38 -11.40 -1.94 -27.38
C LEU A 38 -10.16 -2.81 -27.49
N ALA A 39 -9.01 -2.28 -27.08
CA ALA A 39 -7.80 -3.10 -27.07
C ALA A 39 -7.95 -4.27 -26.11
N ILE A 40 -8.52 -4.02 -24.93
CA ILE A 40 -8.80 -5.11 -23.98
C ILE A 40 -9.69 -6.16 -24.65
N ALA A 41 -10.80 -5.71 -25.24
CA ALA A 41 -11.73 -6.66 -25.84
C ALA A 41 -11.07 -7.47 -26.95
N ARG A 42 -10.30 -6.79 -27.83
CA ARG A 42 -9.64 -7.48 -28.92
C ARG A 42 -8.59 -8.46 -28.42
N ARG A 43 -7.90 -8.13 -27.34
CA ARG A 43 -6.94 -9.08 -26.80
C ARG A 43 -7.65 -10.32 -26.27
N LEU A 44 -8.74 -10.14 -25.53
CA LEU A 44 -9.46 -11.29 -24.97
C LEU A 44 -10.06 -12.15 -26.06
N ALA A 45 -10.53 -11.53 -27.14
CA ALA A 45 -11.03 -12.30 -28.27
C ALA A 45 -9.90 -13.09 -28.95
N ALA A 46 -8.75 -12.44 -29.15
CA ALA A 46 -7.61 -13.14 -29.72
C ALA A 46 -7.16 -14.30 -28.82
N ASP A 47 -7.32 -14.13 -27.50
CA ASP A 47 -7.01 -15.19 -26.55
C ASP A 47 -7.89 -16.42 -26.74
N GLY A 48 -9.07 -16.26 -27.34
CA GLY A 48 -10.01 -17.36 -27.52
C GLY A 48 -11.32 -17.21 -26.77
N HIS A 49 -11.54 -16.12 -26.04
CA HIS A 49 -12.78 -15.95 -25.30
C HIS A 49 -13.90 -15.49 -26.22
N LYS A 50 -15.13 -15.61 -25.73
CA LYS A 50 -16.30 -15.06 -26.41
C LYS A 50 -16.52 -13.68 -25.83
N VAL A 51 -16.30 -12.65 -26.63
CA VAL A 51 -16.18 -11.29 -26.09
C VAL A 51 -17.34 -10.43 -26.56
N ALA A 52 -18.05 -9.83 -25.61
CA ALA A 52 -19.06 -8.84 -25.87
C ALA A 52 -18.60 -7.50 -25.30
N VAL A 53 -19.02 -6.41 -25.94
CA VAL A 53 -18.69 -5.06 -25.47
C VAL A 53 -19.96 -4.23 -25.37
N THR A 54 -19.94 -3.25 -24.49
CA THR A 54 -21.04 -2.29 -24.43
C THR A 54 -20.76 -1.14 -25.38
N HIS A 55 -21.82 -0.44 -25.75
CA HIS A 55 -21.73 0.85 -26.42
C HIS A 55 -22.97 1.63 -26.03
N ARG A 56 -22.97 2.93 -26.32
CA ARG A 56 -24.10 3.77 -25.96
C ARG A 56 -24.88 4.28 -27.16
N GLY A 57 -24.92 3.50 -28.23
CA GLY A 57 -25.71 3.81 -29.41
C GLY A 57 -24.90 3.96 -30.69
N SER A 58 -23.59 4.17 -30.60
CA SER A 58 -22.79 4.31 -31.81
C SER A 58 -22.52 2.97 -32.48
N GLY A 59 -22.77 1.85 -31.80
CA GLY A 59 -22.77 0.57 -32.46
C GLY A 59 -21.60 -0.30 -32.01
N ALA A 60 -21.74 -1.59 -32.27
CA ALA A 60 -20.69 -2.54 -31.95
C ALA A 60 -19.55 -2.41 -32.96
N PRO A 61 -18.32 -2.70 -32.55
CA PRO A 61 -17.24 -2.81 -33.54
C PRO A 61 -17.55 -3.96 -34.49
N ASP A 62 -17.03 -3.87 -35.71
CA ASP A 62 -17.35 -4.88 -36.72
C ASP A 62 -17.00 -6.28 -36.25
N ASP A 63 -15.94 -6.42 -35.45
CA ASP A 63 -15.42 -7.72 -35.08
C ASP A 63 -15.93 -8.25 -33.75
N LEU A 64 -16.80 -7.52 -33.05
CA LEU A 64 -17.18 -7.89 -31.69
C LEU A 64 -18.68 -7.74 -31.49
N PHE A 65 -19.29 -8.69 -30.79
CA PHE A 65 -20.69 -8.57 -30.42
C PHE A 65 -20.87 -7.40 -29.46
N GLY A 66 -21.87 -6.57 -29.71
CA GLY A 66 -22.11 -5.40 -28.90
C GLY A 66 -23.53 -5.34 -28.36
N VAL A 67 -23.64 -4.73 -27.19
CA VAL A 67 -24.92 -4.50 -26.54
C VAL A 67 -24.96 -3.05 -26.08
N GLN A 68 -26.07 -2.36 -26.36
CA GLN A 68 -26.19 -0.98 -25.91
C GLN A 68 -26.42 -0.95 -24.41
N CYS A 69 -25.58 -0.20 -23.68
CA CYS A 69 -25.69 -0.18 -22.24
C CYS A 69 -25.02 1.08 -21.70
N ASP A 70 -25.77 1.89 -20.96
CA ASP A 70 -25.24 2.99 -20.18
C ASP A 70 -25.12 2.51 -18.74
N VAL A 71 -23.88 2.49 -18.22
CA VAL A 71 -23.63 1.89 -16.91
C VAL A 71 -24.14 2.73 -15.76
N THR A 72 -24.71 3.90 -16.02
CA THR A 72 -25.41 4.67 -14.99
C THR A 72 -26.87 4.26 -14.84
N ASP A 73 -27.33 3.32 -15.67
CA ASP A 73 -28.74 2.93 -15.70
C ASP A 73 -28.80 1.45 -15.32
N SER A 74 -29.26 1.17 -14.09
CA SER A 74 -29.31 -0.20 -13.60
C SER A 74 -30.20 -1.08 -14.48
N ALA A 75 -31.28 -0.52 -15.02
CA ALA A 75 -32.16 -1.30 -15.89
C ALA A 75 -31.45 -1.66 -17.19
N ALA A 76 -30.67 -0.73 -17.75
CA ALA A 76 -29.93 -1.03 -18.97
C ALA A 76 -28.84 -2.06 -18.71
N VAL A 77 -28.20 -2.02 -17.53
CA VAL A 77 -27.21 -3.02 -17.19
C VAL A 77 -27.85 -4.41 -17.15
N ASP A 78 -29.05 -4.51 -16.57
CA ASP A 78 -29.72 -5.81 -16.47
C ASP A 78 -30.07 -6.34 -17.86
N ARG A 79 -30.64 -5.49 -18.71
CA ARG A 79 -30.97 -5.90 -20.07
C ARG A 79 -29.74 -6.34 -20.85
N ALA A 80 -28.62 -5.60 -20.67
CA ALA A 80 -27.42 -5.93 -21.44
C ALA A 80 -26.85 -7.29 -21.03
N PHE A 81 -26.84 -7.60 -19.74
CA PHE A 81 -26.38 -8.91 -19.30
C PHE A 81 -27.27 -10.02 -19.85
N LYS A 82 -28.58 -9.76 -19.95
CA LYS A 82 -29.49 -10.75 -20.53
C LYS A 82 -29.19 -10.95 -22.01
N GLU A 83 -28.90 -9.86 -22.73
CA GLU A 83 -28.57 -9.99 -24.15
C GLU A 83 -27.26 -10.74 -24.35
N VAL A 84 -26.28 -10.48 -23.50
CA VAL A 84 -25.03 -11.22 -23.59
C VAL A 84 -25.27 -12.69 -23.30
N GLU A 85 -26.05 -12.98 -22.27
CA GLU A 85 -26.31 -14.37 -21.89
C GLU A 85 -26.94 -15.14 -23.04
N GLU A 86 -27.92 -14.54 -23.73
CA GLU A 86 -28.56 -15.19 -24.86
C GLU A 86 -27.56 -15.48 -25.97
N HIS A 87 -26.58 -14.59 -26.17
CA HIS A 87 -25.68 -14.72 -27.29
C HIS A 87 -24.53 -15.70 -27.03
N GLN A 88 -24.00 -15.72 -25.81
CA GLN A 88 -22.77 -16.47 -25.56
C GLN A 88 -22.71 -17.11 -24.19
N GLY A 89 -23.82 -17.21 -23.45
CA GLY A 89 -23.79 -17.73 -22.10
C GLY A 89 -23.58 -16.62 -21.08
N PRO A 90 -24.00 -16.86 -19.84
CA PRO A 90 -23.85 -15.83 -18.80
C PRO A 90 -22.40 -15.39 -18.62
N VAL A 91 -22.23 -14.12 -18.26
CA VAL A 91 -20.90 -13.54 -18.17
C VAL A 91 -20.10 -14.24 -17.07
N GLU A 92 -18.90 -14.68 -17.43
CA GLU A 92 -17.94 -15.26 -16.50
C GLU A 92 -16.80 -14.31 -16.15
N VAL A 93 -16.48 -13.40 -17.06
CA VAL A 93 -15.39 -12.43 -16.88
C VAL A 93 -15.98 -11.07 -17.22
N LEU A 94 -16.09 -10.21 -16.21
CA LEU A 94 -16.50 -8.82 -16.42
C LEU A 94 -15.28 -7.93 -16.35
N VAL A 95 -15.07 -7.12 -17.38
CA VAL A 95 -14.06 -6.07 -17.38
C VAL A 95 -14.79 -4.73 -17.35
N ALA A 96 -14.72 -4.03 -16.22
CA ALA A 96 -15.41 -2.75 -16.09
C ALA A 96 -14.46 -1.63 -16.49
N ASN A 97 -14.51 -1.24 -17.76
CA ASN A 97 -13.65 -0.19 -18.29
C ASN A 97 -14.39 1.11 -18.55
N ALA A 98 -15.72 1.12 -18.53
CA ALA A 98 -16.46 2.36 -18.76
C ALA A 98 -16.04 3.42 -17.76
N GLY A 99 -15.70 4.60 -18.26
CA GLY A 99 -15.16 5.63 -17.39
C GLY A 99 -15.13 6.97 -18.10
N ILE A 100 -15.10 8.02 -17.28
CA ILE A 100 -14.98 9.40 -17.76
C ILE A 100 -14.10 10.18 -16.80
N SER A 101 -13.60 11.31 -17.29
CA SER A 101 -12.82 12.25 -16.50
C SER A 101 -13.49 13.62 -16.54
N LYS A 102 -13.43 14.33 -15.40
CA LYS A 102 -13.89 15.70 -15.28
C LYS A 102 -12.92 16.39 -14.32
N ASP A 103 -11.66 16.57 -14.76
CA ASP A 103 -10.64 17.10 -13.87
C ASP A 103 -10.90 18.55 -13.53
N ALA A 104 -10.43 18.97 -12.35
CA ALA A 104 -10.49 20.37 -11.94
C ALA A 104 -9.67 20.55 -10.67
N PHE A 105 -9.12 21.75 -10.49
CA PHE A 105 -8.63 22.16 -9.18
C PHE A 105 -9.74 21.96 -8.15
N LEU A 106 -9.36 21.57 -6.93
CA LEU A 106 -10.36 21.27 -5.91
C LEU A 106 -11.36 22.41 -5.74
N MET A 107 -10.87 23.65 -5.63
CA MET A 107 -11.74 24.77 -5.36
C MET A 107 -12.74 25.00 -6.49
N ARG A 108 -12.43 24.55 -7.70
CA ARG A 108 -13.27 24.75 -8.86
C ARG A 108 -14.18 23.57 -9.15
N MET A 109 -13.99 22.44 -8.46
CA MET A 109 -14.72 21.23 -8.80
C MET A 109 -16.12 21.29 -8.23
N THR A 110 -17.12 21.24 -9.10
CA THR A 110 -18.50 21.35 -8.65
C THR A 110 -19.02 19.98 -8.21
N GLU A 111 -20.13 20.01 -7.47
CA GLU A 111 -20.82 18.78 -7.09
C GLU A 111 -21.10 17.92 -8.31
N GLU A 112 -21.55 18.55 -9.41
CA GLU A 112 -21.90 17.82 -10.61
C GLU A 112 -20.69 17.12 -11.22
N ARG A 113 -19.55 17.81 -11.29
CA ARG A 113 -18.33 17.19 -11.82
C ARG A 113 -17.90 16.01 -10.98
N PHE A 114 -18.04 16.10 -9.66
CA PHE A 114 -17.67 14.99 -8.79
C PHE A 114 -18.63 13.82 -8.98
N GLU A 115 -19.93 14.10 -8.90
CA GLU A 115 -20.91 13.01 -8.90
C GLU A 115 -20.96 12.29 -10.24
N GLU A 116 -20.76 13.01 -11.34
CA GLU A 116 -20.81 12.37 -12.65
C GLU A 116 -19.69 11.35 -12.79
N VAL A 117 -18.49 11.73 -12.34
CA VAL A 117 -17.36 10.81 -12.38
C VAL A 117 -17.59 9.63 -11.45
N ILE A 118 -18.09 9.89 -10.24
CA ILE A 118 -18.40 8.78 -9.33
C ILE A 118 -19.45 7.85 -9.94
N ASN A 119 -20.50 8.42 -10.52
CA ASN A 119 -21.63 7.59 -10.95
C ASN A 119 -21.24 6.63 -12.07
N THR A 120 -20.41 7.10 -13.01
CA THR A 120 -19.97 6.22 -14.09
C THR A 120 -18.86 5.29 -13.62
N ASN A 121 -17.83 5.85 -12.99
CA ASN A 121 -16.60 5.10 -12.78
C ASN A 121 -16.68 4.15 -11.59
N LEU A 122 -17.38 4.56 -10.54
CA LEU A 122 -17.47 3.75 -9.34
C LEU A 122 -18.81 3.03 -9.25
N THR A 123 -19.90 3.79 -9.18
CA THR A 123 -21.21 3.16 -9.08
C THR A 123 -21.54 2.36 -10.34
N GLY A 124 -21.11 2.83 -11.51
CA GLY A 124 -21.35 2.06 -12.72
C GLY A 124 -20.63 0.72 -12.70
N ALA A 125 -19.42 0.71 -12.15
CA ALA A 125 -18.70 -0.55 -11.99
C ALA A 125 -19.42 -1.46 -11.00
N PHE A 126 -19.90 -0.90 -9.89
CA PHE A 126 -20.71 -1.67 -8.96
C PHE A 126 -21.94 -2.27 -9.66
N ARG A 127 -22.68 -1.46 -10.43
CA ARG A 127 -23.89 -1.97 -11.04
C ARG A 127 -23.59 -3.21 -11.87
N CYS A 128 -22.47 -3.20 -12.58
CA CYS A 128 -22.11 -4.33 -13.44
C CYS A 128 -21.62 -5.51 -12.62
N ALA A 129 -20.79 -5.27 -11.60
CA ALA A 129 -20.30 -6.37 -10.77
C ALA A 129 -21.45 -7.04 -10.05
N GLN A 130 -22.38 -6.25 -9.49
CA GLN A 130 -23.52 -6.81 -8.78
C GLN A 130 -24.35 -7.69 -9.71
N ARG A 131 -24.62 -7.22 -10.93
CA ARG A 131 -25.43 -7.99 -11.86
C ARG A 131 -24.70 -9.22 -12.34
N ALA A 132 -23.38 -9.13 -12.51
CA ALA A 132 -22.61 -10.29 -12.94
C ALA A 132 -22.58 -11.37 -11.87
N SER A 133 -22.59 -10.96 -10.59
CA SER A 133 -22.34 -11.89 -9.49
C SER A 133 -23.41 -12.96 -9.37
N ARG A 134 -24.64 -12.65 -9.79
CA ARG A 134 -25.75 -13.60 -9.69
C ARG A 134 -25.36 -14.98 -10.23
N THR A 135 -25.00 -15.05 -11.50
N THR A 135 -24.99 -15.05 -11.51
CA THR A 135 -24.67 -16.35 -12.08
CA THR A 135 -24.67 -16.33 -12.09
C THR A 135 -23.27 -16.81 -11.70
C THR A 135 -23.27 -16.81 -11.70
N MET A 136 -22.34 -15.87 -11.46
CA MET A 136 -20.99 -16.26 -11.09
C MET A 136 -20.97 -17.10 -9.82
N GLN A 137 -21.66 -16.64 -8.77
CA GLN A 137 -21.67 -17.41 -7.53
C GLN A 137 -22.32 -18.76 -7.73
N ARG A 138 -23.42 -18.81 -8.50
CA ARG A 138 -24.15 -20.05 -8.68
C ARG A 138 -23.30 -21.09 -9.42
N LYS A 139 -22.51 -20.64 -10.39
CA LYS A 139 -21.65 -21.53 -11.16
C LYS A 139 -20.28 -21.71 -10.53
N ARG A 140 -20.01 -21.04 -9.41
CA ARG A 140 -18.74 -21.15 -8.70
C ARG A 140 -17.55 -20.76 -9.58
N PHE A 141 -17.73 -19.73 -10.41
CA PHE A 141 -16.62 -19.15 -11.15
C PHE A 141 -16.96 -17.71 -11.50
N GLY A 142 -16.04 -16.81 -11.23
CA GLY A 142 -16.20 -15.48 -11.77
C GLY A 142 -14.95 -14.65 -11.65
N ARG A 143 -14.69 -13.81 -12.65
CA ARG A 143 -13.59 -12.86 -12.62
CA ARG A 143 -13.59 -12.86 -12.61
C ARG A 143 -14.18 -11.48 -12.84
N ILE A 144 -14.08 -10.62 -11.84
CA ILE A 144 -14.53 -9.23 -11.92
C ILE A 144 -13.25 -8.39 -11.97
N ILE A 145 -13.02 -7.70 -13.08
CA ILE A 145 -11.77 -6.99 -13.31
C ILE A 145 -12.11 -5.51 -13.50
N PHE A 146 -11.78 -4.70 -12.49
CA PHE A 146 -12.03 -3.27 -12.58
C PHE A 146 -10.81 -2.61 -13.19
N ILE A 147 -11.04 -1.65 -14.08
CA ILE A 147 -9.96 -0.83 -14.60
C ILE A 147 -9.88 0.41 -13.73
N GLY A 148 -8.86 0.46 -12.89
CA GLY A 148 -8.61 1.57 -11.99
C GLY A 148 -7.68 2.59 -12.62
N SER A 149 -6.77 3.14 -11.82
CA SER A 149 -5.82 4.13 -12.31
C SER A 149 -4.73 4.28 -11.26
N VAL A 150 -3.52 4.60 -11.72
CA VAL A 150 -2.47 5.04 -10.80
C VAL A 150 -2.97 6.13 -9.86
N SER A 151 -3.90 6.96 -10.32
CA SER A 151 -4.38 8.08 -9.51
C SER A 151 -5.05 7.62 -8.22
N GLY A 152 -5.67 6.43 -8.23
CA GLY A 152 -6.34 5.95 -7.03
C GLY A 152 -5.44 5.94 -5.79
N MET A 153 -4.22 5.43 -5.93
CA MET A 153 -3.31 5.36 -4.79
C MET A 153 -2.21 6.41 -4.83
N TRP A 154 -1.93 7.01 -5.99
CA TRP A 154 -0.87 8.00 -6.11
C TRP A 154 -1.39 9.42 -6.03
N GLY A 155 -2.65 9.63 -6.42
CA GLY A 155 -3.28 10.94 -6.30
C GLY A 155 -2.77 11.94 -7.31
N ILE A 156 -3.14 11.78 -8.58
CA ILE A 156 -2.84 12.82 -9.55
C ILE A 156 -3.61 14.08 -9.16
N GLY A 157 -2.94 15.22 -9.20
CA GLY A 157 -3.59 16.46 -8.84
C GLY A 157 -4.74 16.77 -9.78
N ASN A 158 -5.68 17.58 -9.27
CA ASN A 158 -6.88 17.99 -10.01
C ASN A 158 -7.83 16.84 -10.29
N GLN A 159 -7.80 15.78 -9.48
CA GLN A 159 -8.61 14.58 -9.71
C GLN A 159 -9.25 14.11 -8.42
N ALA A 160 -9.79 15.03 -7.62
CA ALA A 160 -10.44 14.60 -6.40
C ALA A 160 -11.54 13.58 -6.70
N ASN A 161 -12.25 13.76 -7.82
CA ASN A 161 -13.31 12.86 -8.25
C ASN A 161 -12.75 11.58 -8.84
N TYR A 162 -11.85 11.69 -9.83
CA TYR A 162 -11.33 10.50 -10.50
C TYR A 162 -10.53 9.62 -9.55
N ALA A 163 -9.67 10.22 -8.74
CA ALA A 163 -8.90 9.44 -7.77
C ALA A 163 -9.81 8.79 -6.75
N ALA A 164 -10.88 9.48 -6.31
CA ALA A 164 -11.81 8.87 -5.38
C ALA A 164 -12.50 7.68 -6.02
N ALA A 165 -12.97 7.83 -7.25
CA ALA A 165 -13.64 6.73 -7.94
C ALA A 165 -12.69 5.55 -8.12
N LYS A 166 -11.47 5.82 -8.59
CA LYS A 166 -10.58 4.73 -8.93
C LYS A 166 -10.00 4.05 -7.69
N ALA A 167 -9.87 4.78 -6.57
CA ALA A 167 -9.51 4.12 -5.32
C ALA A 167 -10.67 3.32 -4.76
N GLY A 168 -11.90 3.82 -4.97
CA GLY A 168 -13.07 3.10 -4.48
C GLY A 168 -13.19 1.71 -5.09
N LEU A 169 -12.71 1.55 -6.32
CA LEU A 169 -12.70 0.23 -6.95
C LEU A 169 -11.88 -0.77 -6.15
N ILE A 170 -10.81 -0.30 -5.50
CA ILE A 170 -9.99 -1.20 -4.68
C ILE A 170 -10.77 -1.69 -3.48
N GLY A 171 -11.39 -0.77 -2.73
CA GLY A 171 -12.21 -1.19 -1.60
C GLY A 171 -13.31 -2.13 -2.02
N MET A 172 -14.02 -1.80 -3.10
CA MET A 172 -15.08 -2.68 -3.59
C MET A 172 -14.53 -4.06 -4.00
N ALA A 173 -13.41 -4.09 -4.71
CA ALA A 173 -12.84 -5.37 -5.14
C ALA A 173 -12.48 -6.24 -3.94
N ARG A 174 -11.94 -5.62 -2.89
CA ARG A 174 -11.54 -6.38 -1.72
C ARG A 174 -12.73 -6.90 -0.93
N SER A 175 -13.78 -6.08 -0.78
CA SER A 175 -14.99 -6.55 -0.10
C SER A 175 -15.65 -7.68 -0.87
N ILE A 176 -15.75 -7.55 -2.19
CA ILE A 176 -16.32 -8.61 -3.01
C ILE A 176 -15.49 -9.88 -2.89
N SER A 177 -14.16 -9.74 -2.94
CA SER A 177 -13.29 -10.90 -2.86
C SER A 177 -13.38 -11.58 -1.50
N ARG A 178 -13.41 -10.80 -0.42
CA ARG A 178 -13.52 -11.42 0.90
C ARG A 178 -14.83 -12.18 1.04
N GLU A 179 -15.91 -11.68 0.42
CA GLU A 179 -17.19 -12.40 0.48
C GLU A 179 -17.22 -13.63 -0.41
N LEU A 180 -16.76 -13.51 -1.66
CA LEU A 180 -17.08 -14.49 -2.69
C LEU A 180 -15.89 -15.30 -3.20
N ALA A 181 -14.67 -15.04 -2.74
CA ALA A 181 -13.54 -15.84 -3.21
C ALA A 181 -13.72 -17.33 -2.90
N LYS A 182 -14.36 -17.65 -1.77
CA LYS A 182 -14.60 -19.04 -1.40
C LYS A 182 -15.51 -19.75 -2.41
N ALA A 183 -16.29 -18.99 -3.18
CA ALA A 183 -17.13 -19.53 -4.23
C ALA A 183 -16.48 -19.41 -5.61
N GLY A 184 -15.17 -19.18 -5.65
CA GLY A 184 -14.49 -19.10 -6.93
C GLY A 184 -14.69 -17.80 -7.68
N VAL A 185 -15.11 -16.74 -7.00
CA VAL A 185 -15.38 -15.46 -7.62
C VAL A 185 -14.40 -14.44 -7.04
N THR A 186 -13.53 -13.90 -7.89
CA THR A 186 -12.54 -12.94 -7.46
C THR A 186 -12.79 -11.59 -8.10
N ALA A 187 -12.31 -10.55 -7.43
CA ALA A 187 -12.37 -9.20 -7.97
C ALA A 187 -11.01 -8.56 -7.79
N ASN A 188 -10.47 -8.03 -8.89
CA ASN A 188 -9.15 -7.44 -8.92
C ASN A 188 -9.20 -6.13 -9.70
N VAL A 189 -8.12 -5.35 -9.60
CA VAL A 189 -8.02 -4.04 -10.22
C VAL A 189 -6.76 -3.98 -11.07
N VAL A 190 -6.89 -3.57 -12.33
CA VAL A 190 -5.75 -3.17 -13.14
C VAL A 190 -5.65 -1.65 -13.09
N ALA A 191 -4.49 -1.12 -12.69
CA ALA A 191 -4.32 0.31 -12.48
C ALA A 191 -3.34 0.89 -13.49
N PRO A 192 -3.80 1.32 -14.67
CA PRO A 192 -2.90 1.92 -15.65
C PRO A 192 -2.38 3.27 -15.18
N GLY A 193 -1.15 3.57 -15.61
CA GLY A 193 -0.60 4.90 -15.52
C GLY A 193 -0.94 5.74 -16.74
N TYR A 194 0.06 6.40 -17.31
CA TYR A 194 -0.16 7.21 -18.50
C TYR A 194 -0.10 6.30 -19.72
N ILE A 195 -1.21 6.19 -20.44
CA ILE A 195 -1.35 5.28 -21.58
C ILE A 195 -1.54 6.13 -22.83
N ASP A 196 -0.80 5.79 -23.89
CA ASP A 196 -0.85 6.55 -25.13
C ASP A 196 -2.23 6.45 -25.76
N THR A 197 -2.88 7.59 -25.94
CA THR A 197 -4.21 7.69 -26.54
C THR A 197 -4.25 8.93 -27.41
N GLU A 198 -5.41 9.17 -28.02
CA GLU A 198 -5.63 10.42 -28.76
C GLU A 198 -5.60 11.63 -27.83
N MET A 199 -6.19 11.49 -26.64
CA MET A 199 -6.23 12.60 -25.69
C MET A 199 -4.84 13.00 -25.22
N THR A 200 -3.98 12.02 -24.93
CA THR A 200 -2.64 12.34 -24.45
C THR A 200 -1.77 12.93 -25.55
N ARG A 201 -1.87 12.41 -26.77
CA ARG A 201 -1.10 12.96 -27.88
C ARG A 201 -1.55 14.37 -28.27
N ALA A 202 -2.71 14.83 -27.77
CA ALA A 202 -3.20 16.17 -28.05
C ALA A 202 -2.80 17.19 -27.00
N LEU A 203 -2.32 16.76 -25.83
CA LEU A 203 -1.75 17.69 -24.86
C LEU A 203 -0.52 18.36 -25.45
N ASP A 204 -0.22 19.56 -24.95
CA ASP A 204 1.02 20.22 -25.36
C ASP A 204 2.22 19.36 -24.96
N GLU A 205 3.32 19.51 -25.71
CA GLU A 205 4.49 18.67 -25.46
C GLU A 205 5.06 18.89 -24.06
N ARG A 206 4.91 20.11 -23.52
CA ARG A 206 5.35 20.37 -22.15
C ARG A 206 4.63 19.48 -21.15
N ILE A 207 3.31 19.37 -21.29
CA ILE A 207 2.52 18.52 -20.40
C ILE A 207 2.92 17.06 -20.55
N GLN A 208 3.05 16.61 -21.81
CA GLN A 208 3.47 15.23 -22.06
C GLN A 208 4.87 14.98 -21.52
N ALA A 209 5.78 15.94 -21.72
CA ALA A 209 7.13 15.78 -21.19
C ALA A 209 7.13 15.80 -19.67
N GLY A 210 6.38 16.73 -19.07
CA GLY A 210 6.32 16.81 -17.62
C GLY A 210 5.84 15.53 -16.96
N ALA A 211 4.90 14.82 -17.62
CA ALA A 211 4.41 13.57 -17.04
C ALA A 211 5.48 12.48 -17.04
N LEU A 212 6.36 12.46 -18.05
CA LEU A 212 7.39 11.44 -18.08
C LEU A 212 8.37 11.56 -16.91
N ASP A 213 8.50 12.75 -16.33
CA ASP A 213 9.39 12.94 -15.19
C ASP A 213 8.97 12.07 -14.01
N PHE A 214 7.69 11.74 -13.89
CA PHE A 214 7.19 10.94 -12.78
C PHE A 214 7.17 9.44 -13.07
N ILE A 215 7.66 9.01 -14.22
CA ILE A 215 7.54 7.62 -14.64
C ILE A 215 8.94 7.03 -14.70
N PRO A 216 9.28 6.08 -13.82
CA PRO A 216 10.63 5.49 -13.89
C PRO A 216 10.97 4.91 -15.25
N ALA A 217 10.00 4.32 -15.95
CA ALA A 217 10.26 3.76 -17.26
C ALA A 217 10.55 4.81 -18.33
N LYS A 218 10.20 6.08 -18.08
CA LYS A 218 10.50 7.19 -18.99
C LYS A 218 9.83 6.99 -20.36
N ARG A 219 8.68 6.34 -20.36
CA ARG A 219 7.87 6.22 -21.55
C ARG A 219 6.43 6.04 -21.10
N VAL A 220 5.49 6.34 -22.01
CA VAL A 220 4.08 6.03 -21.79
C VAL A 220 3.84 4.56 -22.07
N GLY A 221 2.75 4.03 -21.51
CA GLY A 221 2.34 2.68 -21.81
C GLY A 221 1.41 2.63 -23.01
N THR A 222 1.10 1.42 -23.46
CA THR A 222 0.18 1.25 -24.56
C THR A 222 -1.10 0.58 -24.07
N ALA A 223 -2.15 0.75 -24.86
CA ALA A 223 -3.42 0.08 -24.57
C ALA A 223 -3.24 -1.43 -24.55
N GLU A 224 -2.36 -1.94 -25.41
CA GLU A 224 -2.12 -3.38 -25.45
C GLU A 224 -1.39 -3.88 -24.21
N GLU A 225 -0.64 -3.01 -23.52
CA GLU A 225 -0.03 -3.43 -22.26
C GLU A 225 -1.07 -3.53 -21.16
N VAL A 226 -2.03 -2.60 -21.14
CA VAL A 226 -3.16 -2.74 -20.22
C VAL A 226 -3.91 -4.03 -20.51
N ALA A 227 -4.17 -4.31 -21.78
CA ALA A 227 -4.90 -5.51 -22.16
C ALA A 227 -4.13 -6.78 -21.77
N GLY A 228 -2.80 -6.73 -21.79
CA GLY A 228 -2.02 -7.88 -21.37
C GLY A 228 -2.24 -8.25 -19.91
N ALA A 229 -2.35 -7.22 -19.05
CA ALA A 229 -2.65 -7.48 -17.64
C ALA A 229 -4.06 -8.03 -17.46
N VAL A 230 -5.03 -7.48 -18.20
CA VAL A 230 -6.40 -7.99 -18.14
C VAL A 230 -6.44 -9.43 -18.64
N SER A 231 -5.73 -9.72 -19.74
CA SER A 231 -5.63 -11.08 -20.25
C SER A 231 -5.15 -12.05 -19.17
N PHE A 232 -4.11 -11.65 -18.43
CA PHE A 232 -3.61 -12.48 -17.34
C PHE A 232 -4.69 -12.71 -16.29
N LEU A 233 -5.36 -11.64 -15.85
CA LEU A 233 -6.36 -11.80 -14.80
C LEU A 233 -7.60 -12.57 -15.26
N ALA A 234 -7.85 -12.63 -16.58
CA ALA A 234 -8.95 -13.46 -17.09
C ALA A 234 -8.55 -14.91 -17.34
N SER A 235 -7.27 -15.24 -17.21
CA SER A 235 -6.73 -16.53 -17.61
C SER A 235 -6.80 -17.55 -16.47
N GLU A 236 -6.44 -18.80 -16.82
CA GLU A 236 -6.35 -19.88 -15.85
C GLU A 236 -5.13 -19.75 -14.93
N ASP A 237 -4.29 -18.74 -15.13
CA ASP A 237 -3.14 -18.47 -14.27
C ASP A 237 -3.44 -17.51 -13.13
N ALA A 238 -4.69 -17.07 -12.94
CA ALA A 238 -4.99 -16.03 -11.95
C ALA A 238 -6.06 -16.46 -10.95
N SER A 239 -6.29 -17.76 -10.79
CA SER A 239 -7.38 -18.20 -9.93
C SER A 239 -7.14 -17.84 -8.47
N TYR A 240 -5.87 -17.78 -8.04
CA TYR A 240 -5.54 -17.55 -6.64
C TYR A 240 -5.17 -16.11 -6.34
N ILE A 241 -5.61 -15.18 -7.20
CA ILE A 241 -5.35 -13.76 -7.03
C ILE A 241 -6.69 -13.08 -6.77
N ALA A 242 -6.81 -12.40 -5.64
CA ALA A 242 -8.07 -11.79 -5.25
C ALA A 242 -7.76 -10.50 -4.49
N GLY A 243 -8.46 -9.42 -4.86
CA GLY A 243 -8.25 -8.13 -4.22
C GLY A 243 -6.97 -7.43 -4.59
N ALA A 244 -6.31 -7.85 -5.65
CA ALA A 244 -4.99 -7.33 -6.01
C ALA A 244 -5.14 -6.10 -6.88
N VAL A 245 -4.15 -5.22 -6.78
CA VAL A 245 -3.97 -4.11 -7.72
C VAL A 245 -2.77 -4.47 -8.60
N ILE A 246 -3.00 -4.54 -9.90
CA ILE A 246 -1.90 -4.78 -10.84
C ILE A 246 -1.58 -3.45 -11.51
N PRO A 247 -0.48 -2.79 -11.15
CA PRO A 247 -0.15 -1.49 -11.73
C PRO A 247 0.54 -1.64 -13.09
N VAL A 248 -0.01 -0.97 -14.10
CA VAL A 248 0.56 -0.98 -15.44
C VAL A 248 0.94 0.47 -15.73
N ASP A 249 2.07 0.89 -15.16
CA ASP A 249 2.36 2.31 -15.08
C ASP A 249 3.86 2.63 -15.13
N GLY A 250 4.72 1.69 -15.51
CA GLY A 250 6.13 1.99 -15.62
C GLY A 250 6.79 2.33 -14.31
N GLY A 251 6.19 1.92 -13.18
CA GLY A 251 6.68 2.22 -11.86
C GLY A 251 6.18 3.52 -11.27
N MET A 252 5.33 4.27 -11.98
CA MET A 252 4.96 5.61 -11.57
C MET A 252 4.35 5.64 -10.17
N GLY A 253 3.51 4.66 -9.85
CA GLY A 253 2.75 4.72 -8.62
C GLY A 253 3.41 4.09 -7.40
N MET A 254 4.67 3.70 -7.47
CA MET A 254 5.32 3.02 -6.35
C MET A 254 5.25 3.86 -5.07
N GLY A 255 4.75 3.25 -4.01
CA GLY A 255 4.73 3.95 -2.73
C GLY A 255 3.83 3.25 -1.74
N HIS A 256 3.26 4.02 -0.83
CA HIS A 256 2.40 3.44 0.19
C HIS A 256 1.39 4.50 0.63
N ALA B 15 -1.16 -1.71 -34.36
CA ALA B 15 -0.93 -2.43 -33.11
C ALA B 15 -1.43 -3.86 -33.18
N THR B 16 -0.71 -4.75 -32.52
CA THR B 16 -1.06 -6.17 -32.49
C THR B 16 -2.21 -6.37 -31.51
N ALA B 17 -3.24 -7.13 -31.94
CA ALA B 17 -4.39 -7.34 -31.08
C ALA B 17 -4.14 -8.38 -29.99
N GLY B 18 -3.41 -9.44 -30.31
CA GLY B 18 -3.29 -10.59 -29.42
C GLY B 18 -2.00 -10.61 -28.62
N ARG B 19 -1.68 -11.80 -28.11
CA ARG B 19 -0.49 -11.97 -27.28
C ARG B 19 0.75 -11.51 -28.05
N PRO B 20 1.58 -10.65 -27.48
CA PRO B 20 2.76 -10.15 -28.22
C PRO B 20 3.67 -11.28 -28.65
N ALA B 21 4.43 -11.02 -29.71
CA ALA B 21 5.35 -12.00 -30.24
C ALA B 21 6.30 -12.46 -29.14
N PHE B 22 6.49 -13.77 -29.03
CA PHE B 22 7.26 -14.35 -27.95
C PHE B 22 8.75 -14.17 -28.21
N VAL B 23 9.49 -13.90 -27.14
CA VAL B 23 10.95 -13.83 -27.18
C VAL B 23 11.48 -14.87 -26.19
N SER B 24 12.30 -15.79 -26.69
CA SER B 24 12.86 -16.85 -25.86
C SER B 24 13.99 -16.26 -25.03
N ARG B 25 13.79 -16.17 -23.73
CA ARG B 25 14.73 -15.49 -22.85
C ARG B 25 15.65 -16.48 -22.15
N SER B 26 16.85 -16.02 -21.84
CA SER B 26 17.77 -16.75 -20.96
C SER B 26 17.30 -16.59 -19.52
N VAL B 27 16.85 -17.69 -18.91
CA VAL B 27 16.21 -17.67 -17.59
C VAL B 27 17.13 -18.37 -16.60
N LEU B 28 17.25 -17.80 -15.40
CA LEU B 28 17.86 -18.51 -14.27
C LEU B 28 16.90 -18.49 -13.10
N VAL B 29 16.52 -19.68 -12.59
CA VAL B 29 15.67 -19.81 -11.41
C VAL B 29 16.54 -20.32 -10.26
N THR B 30 16.75 -19.49 -9.24
CA THR B 30 17.49 -19.96 -8.07
C THR B 30 16.58 -20.83 -7.21
N GLY B 31 17.15 -21.88 -6.63
CA GLY B 31 16.34 -22.87 -5.93
C GLY B 31 15.32 -23.50 -6.85
N GLY B 32 15.76 -23.92 -8.03
CA GLY B 32 14.87 -24.44 -9.05
C GLY B 32 14.78 -25.96 -9.14
N ASN B 33 15.36 -26.69 -8.19
CA ASN B 33 15.42 -28.14 -8.23
C ASN B 33 14.23 -28.84 -7.58
N ARG B 34 13.42 -28.13 -6.80
CA ARG B 34 12.29 -28.75 -6.14
C ARG B 34 11.27 -27.68 -5.78
N GLY B 35 10.09 -28.13 -5.37
CA GLY B 35 9.09 -27.23 -4.80
C GLY B 35 8.62 -26.19 -5.78
N ILE B 36 8.36 -24.99 -5.25
CA ILE B 36 7.87 -23.89 -6.08
C ILE B 36 8.86 -23.56 -7.19
N GLY B 37 10.16 -23.57 -6.87
CA GLY B 37 11.16 -23.23 -7.87
C GLY B 37 11.14 -24.17 -9.06
N LEU B 38 10.95 -25.47 -8.79
CA LEU B 38 10.88 -26.45 -9.86
C LEU B 38 9.67 -26.21 -10.75
N ALA B 39 8.52 -25.87 -10.15
CA ALA B 39 7.34 -25.58 -10.97
C ALA B 39 7.56 -24.32 -11.81
N ILE B 40 8.20 -23.30 -11.22
CA ILE B 40 8.51 -22.10 -11.98
C ILE B 40 9.40 -22.44 -13.18
N ALA B 41 10.46 -23.20 -12.93
CA ALA B 41 11.40 -23.54 -13.99
C ALA B 41 10.72 -24.35 -15.10
N ARG B 42 9.91 -25.33 -14.72
CA ARG B 42 9.22 -26.13 -15.72
C ARG B 42 8.21 -25.30 -16.52
N ARG B 43 7.53 -24.36 -15.85
CA ARG B 43 6.57 -23.52 -16.57
C ARG B 43 7.29 -22.64 -17.58
N LEU B 44 8.39 -22.00 -17.16
CA LEU B 44 9.11 -21.12 -18.06
C LEU B 44 9.70 -21.89 -19.24
N ALA B 45 10.10 -23.16 -19.01
CA ALA B 45 10.58 -23.98 -20.11
C ALA B 45 9.44 -24.31 -21.07
N ALA B 46 8.27 -24.67 -20.54
CA ALA B 46 7.12 -24.90 -21.41
C ALA B 46 6.75 -23.66 -22.19
N ASP B 47 6.91 -22.47 -21.58
CA ASP B 47 6.64 -21.20 -22.26
C ASP B 47 7.52 -21.01 -23.49
N GLY B 48 8.66 -21.68 -23.55
CA GLY B 48 9.58 -21.54 -24.65
C GLY B 48 10.90 -20.90 -24.30
N HIS B 49 11.15 -20.58 -23.03
CA HIS B 49 12.39 -19.95 -22.62
C HIS B 49 13.52 -20.97 -22.52
N LYS B 50 14.75 -20.46 -22.40
CA LYS B 50 15.95 -21.26 -22.17
C LYS B 50 16.21 -21.23 -20.68
N VAL B 51 15.95 -22.34 -19.99
CA VAL B 51 15.82 -22.32 -18.54
C VAL B 51 17.01 -23.02 -17.88
N ALA B 52 17.69 -22.29 -17.00
CA ALA B 52 18.69 -22.82 -16.09
C ALA B 52 18.18 -22.70 -14.65
N VAL B 53 18.65 -23.60 -13.79
CA VAL B 53 18.32 -23.56 -12.37
C VAL B 53 19.58 -23.70 -11.55
N THR B 54 19.58 -23.10 -10.37
CA THR B 54 20.62 -23.42 -9.41
C THR B 54 20.18 -24.59 -8.53
N HIS B 55 21.16 -25.34 -8.06
CA HIS B 55 20.97 -26.37 -7.06
C HIS B 55 22.20 -26.39 -6.17
N ARG B 56 22.13 -27.15 -5.08
CA ARG B 56 23.27 -27.28 -4.17
C ARG B 56 23.83 -28.70 -4.16
N GLY B 57 23.73 -29.40 -5.29
CA GLY B 57 24.30 -30.74 -5.41
C GLY B 57 23.34 -31.78 -5.95
N SER B 58 22.04 -31.53 -5.83
CA SER B 58 21.04 -32.49 -6.27
C SER B 58 20.90 -32.53 -7.78
N GLY B 59 21.36 -31.51 -8.50
CA GLY B 59 21.24 -31.46 -9.94
C GLY B 59 19.93 -30.82 -10.40
N ALA B 60 19.88 -30.56 -11.74
CA ALA B 60 18.71 -29.94 -12.34
C ALA B 60 17.70 -31.00 -12.76
N PRO B 61 16.42 -30.63 -12.79
CA PRO B 61 15.38 -31.58 -13.23
C PRO B 61 15.30 -31.63 -14.75
N ASP B 62 14.59 -32.65 -15.22
CA ASP B 62 14.25 -32.81 -16.64
C ASP B 62 15.54 -32.71 -17.46
N ASP B 63 15.55 -31.97 -18.57
CA ASP B 63 16.75 -31.70 -19.35
C ASP B 63 17.17 -30.24 -19.19
N LEU B 64 16.75 -29.59 -18.11
CA LEU B 64 17.09 -28.21 -17.84
C LEU B 64 18.58 -28.11 -17.49
N PHE B 65 19.13 -26.91 -17.67
CA PHE B 65 20.53 -26.70 -17.36
C PHE B 65 20.68 -26.37 -15.88
N GLY B 66 21.57 -27.08 -15.20
CA GLY B 66 21.81 -26.87 -13.78
C GLY B 66 23.19 -26.29 -13.51
N VAL B 67 23.24 -25.37 -12.54
CA VAL B 67 24.51 -24.83 -12.04
C VAL B 67 24.48 -24.92 -10.53
N GLN B 68 25.60 -25.34 -9.93
CA GLN B 68 25.66 -25.44 -8.49
C GLN B 68 25.95 -24.06 -7.91
N CYS B 69 25.13 -23.64 -6.94
CA CYS B 69 25.24 -22.28 -6.40
C CYS B 69 24.55 -22.23 -5.06
N ASP B 70 25.27 -21.81 -4.01
CA ASP B 70 24.67 -21.40 -2.76
C ASP B 70 24.60 -19.88 -2.75
N VAL B 71 23.40 -19.33 -2.59
CA VAL B 71 23.19 -17.88 -2.76
C VAL B 71 23.71 -17.06 -1.60
N THR B 72 24.26 -17.70 -0.56
CA THR B 72 24.96 -16.97 0.48
C THR B 72 26.40 -16.67 0.10
N ASP B 73 26.85 -17.16 -1.04
CA ASP B 73 28.25 -17.10 -1.46
C ASP B 73 28.33 -16.27 -2.73
N SER B 74 28.83 -15.04 -2.61
CA SER B 74 28.88 -14.12 -3.75
C SER B 74 29.76 -14.68 -4.87
N ALA B 75 30.87 -15.35 -4.52
CA ALA B 75 31.73 -15.92 -5.55
C ALA B 75 31.04 -17.06 -6.27
N ALA B 76 30.26 -17.87 -5.57
CA ALA B 76 29.53 -18.95 -6.22
C ALA B 76 28.46 -18.38 -7.15
N VAL B 77 27.81 -17.29 -6.74
CA VAL B 77 26.82 -16.65 -7.61
C VAL B 77 27.48 -16.17 -8.90
N ASP B 78 28.66 -15.56 -8.77
CA ASP B 78 29.38 -15.08 -9.94
C ASP B 78 29.72 -16.22 -10.87
N ARG B 79 30.26 -17.32 -10.33
CA ARG B 79 30.59 -18.48 -11.14
C ARG B 79 29.35 -19.07 -11.81
N ALA B 80 28.23 -19.12 -11.08
CA ALA B 80 27.02 -19.72 -11.64
C ALA B 80 26.50 -18.93 -12.83
N PHE B 81 26.46 -17.60 -12.72
CA PHE B 81 26.02 -16.78 -13.84
C PHE B 81 26.94 -16.94 -15.04
N LYS B 82 28.24 -17.07 -14.80
CA LYS B 82 29.17 -17.27 -15.92
C LYS B 82 28.88 -18.58 -16.63
N GLU B 83 28.58 -19.64 -15.88
CA GLU B 83 28.23 -20.93 -16.49
C GLU B 83 26.95 -20.83 -17.31
N VAL B 84 25.94 -20.12 -16.79
CA VAL B 84 24.71 -19.92 -17.55
C VAL B 84 24.99 -19.12 -18.83
N GLU B 85 25.77 -18.04 -18.70
CA GLU B 85 26.09 -17.21 -19.85
C GLU B 85 26.75 -18.03 -20.95
N GLU B 86 27.72 -18.87 -20.58
CA GLU B 86 28.39 -19.69 -21.57
C GLU B 86 27.43 -20.68 -22.22
N HIS B 87 26.44 -21.16 -21.47
CA HIS B 87 25.54 -22.18 -21.98
C HIS B 87 24.44 -21.60 -22.86
N GLN B 88 23.84 -20.49 -22.46
CA GLN B 88 22.61 -20.04 -23.11
C GLN B 88 22.50 -18.53 -23.28
N GLY B 89 23.59 -17.78 -23.09
CA GLY B 89 23.53 -16.35 -23.14
C GLY B 89 23.30 -15.73 -21.78
N PRO B 90 23.65 -14.46 -21.63
CA PRO B 90 23.48 -13.78 -20.34
C PRO B 90 22.04 -13.81 -19.87
N VAL B 91 21.87 -13.93 -18.56
CA VAL B 91 20.56 -14.06 -17.95
C VAL B 91 19.74 -12.80 -18.24
N GLU B 92 18.58 -13.00 -18.85
CA GLU B 92 17.64 -11.91 -19.11
C GLU B 92 16.50 -11.89 -18.12
N VAL B 93 16.15 -13.05 -17.55
CA VAL B 93 15.06 -13.19 -16.60
C VAL B 93 15.64 -13.94 -15.41
N LEU B 94 15.71 -13.28 -14.25
CA LEU B 94 16.19 -13.88 -13.02
C LEU B 94 14.98 -14.07 -12.12
N VAL B 95 14.76 -15.32 -11.68
CA VAL B 95 13.73 -15.61 -10.67
C VAL B 95 14.47 -16.00 -9.40
N ALA B 96 14.43 -15.12 -8.40
CA ALA B 96 15.14 -15.35 -7.14
C ALA B 96 14.20 -16.07 -6.18
N ASN B 97 14.16 -17.39 -6.30
CA ASN B 97 13.25 -18.23 -5.55
C ASN B 97 13.89 -18.87 -4.32
N ALA B 98 15.21 -19.01 -4.29
CA ALA B 98 15.88 -19.65 -3.16
C ALA B 98 15.49 -18.94 -1.86
N GLY B 99 15.09 -19.73 -0.87
CA GLY B 99 14.69 -19.17 0.40
C GLY B 99 14.58 -20.22 1.48
N ILE B 100 14.59 -19.75 2.74
CA ILE B 100 14.41 -20.61 3.90
C ILE B 100 13.56 -19.86 4.92
N SER B 101 12.99 -20.63 5.85
CA SER B 101 12.23 -20.09 6.98
CA SER B 101 12.27 -20.07 6.97
C SER B 101 12.83 -20.65 8.26
N LYS B 102 12.87 -19.83 9.31
CA LYS B 102 13.32 -20.29 10.63
C LYS B 102 12.51 -19.52 11.66
N ASP B 103 11.27 -19.96 11.88
CA ASP B 103 10.35 -19.18 12.70
C ASP B 103 10.71 -19.27 14.19
N ALA B 104 10.29 -18.25 14.94
CA ALA B 104 10.41 -18.22 16.39
C ALA B 104 9.62 -17.02 16.92
N PHE B 105 9.06 -17.19 18.12
CA PHE B 105 8.57 -16.04 18.89
C PHE B 105 9.71 -15.03 19.03
N LEU B 106 9.36 -13.75 19.06
CA LEU B 106 10.38 -12.70 19.07
C LEU B 106 11.37 -12.89 20.22
N MET B 107 10.87 -13.15 21.43
CA MET B 107 11.81 -13.22 22.53
C MET B 107 12.69 -14.46 22.47
N ARG B 108 12.35 -15.43 21.62
CA ARG B 108 13.14 -16.64 21.45
C ARG B 108 14.01 -16.61 20.19
N MET B 109 13.83 -15.63 19.31
CA MET B 109 14.60 -15.57 18.08
C MET B 109 16.01 -15.08 18.35
N THR B 110 16.99 -15.86 17.90
CA THR B 110 18.40 -15.53 18.09
C THR B 110 18.91 -14.72 16.91
N GLU B 111 20.04 -14.04 17.15
CA GLU B 111 20.74 -13.36 16.09
C GLU B 111 21.04 -14.31 14.94
N GLU B 112 21.49 -15.52 15.26
CA GLU B 112 21.84 -16.48 14.22
C GLU B 112 20.63 -16.82 13.35
N ARG B 113 19.48 -17.06 13.98
CA ARG B 113 18.30 -17.46 13.23
C ARG B 113 17.76 -16.30 12.40
N PHE B 114 17.86 -15.07 12.90
CA PHE B 114 17.47 -13.91 12.11
C PHE B 114 18.39 -13.71 10.93
N GLU B 115 19.72 -13.73 11.18
CA GLU B 115 20.66 -13.45 10.09
C GLU B 115 20.68 -14.56 9.04
N GLU B 116 20.48 -15.81 9.44
CA GLU B 116 20.45 -16.89 8.46
C GLU B 116 19.35 -16.65 7.42
N VAL B 117 18.16 -16.27 7.89
CA VAL B 117 17.04 -16.04 6.99
C VAL B 117 17.28 -14.79 6.15
N ILE B 118 17.82 -13.72 6.76
CA ILE B 118 18.16 -12.53 6.00
C ILE B 118 19.17 -12.86 4.91
N ASN B 119 20.21 -13.62 5.27
CA ASN B 119 21.32 -13.81 4.34
C ASN B 119 20.90 -14.60 3.12
N THR B 120 20.06 -15.63 3.31
CA THR B 120 19.59 -16.38 2.15
C THR B 120 18.51 -15.61 1.39
N ASN B 121 17.47 -15.15 2.10
CA ASN B 121 16.26 -14.69 1.43
C ASN B 121 16.41 -13.27 0.87
N LEU B 122 17.11 -12.40 1.61
CA LEU B 122 17.23 -11.01 1.19
C LEU B 122 18.59 -10.73 0.55
N THR B 123 19.68 -10.98 1.30
CA THR B 123 21.00 -10.74 0.72
C THR B 123 21.27 -11.69 -0.44
N GLY B 124 20.80 -12.93 -0.36
CA GLY B 124 20.97 -13.86 -1.46
C GLY B 124 20.28 -13.37 -2.73
N ALA B 125 19.06 -12.85 -2.58
CA ALA B 125 18.37 -12.26 -3.72
C ALA B 125 19.13 -11.06 -4.27
N PHE B 126 19.68 -10.22 -3.39
CA PHE B 126 20.52 -9.12 -3.85
C PHE B 126 21.72 -9.63 -4.64
N ARG B 127 22.44 -10.63 -4.11
CA ARG B 127 23.62 -11.12 -4.80
C ARG B 127 23.28 -11.51 -6.23
N CYS B 128 22.16 -12.18 -6.41
CA CYS B 128 21.75 -12.62 -7.74
C CYS B 128 21.34 -11.43 -8.61
N ALA B 129 20.54 -10.50 -8.06
CA ALA B 129 20.14 -9.33 -8.83
C ALA B 129 21.33 -8.48 -9.23
N GLN B 130 22.25 -8.24 -8.29
CA GLN B 130 23.43 -7.45 -8.59
C GLN B 130 24.27 -8.10 -9.69
N ARG B 131 24.44 -9.43 -9.62
CA ARG B 131 25.23 -10.10 -10.64
C ARG B 131 24.51 -10.08 -11.98
N ALA B 132 23.19 -10.19 -11.96
CA ALA B 132 22.42 -10.16 -13.20
C ALA B 132 22.51 -8.80 -13.88
N SER B 133 22.65 -7.73 -13.09
CA SER B 133 22.66 -6.37 -13.64
C SER B 133 23.88 -6.08 -14.50
N ARG B 134 24.95 -6.88 -14.39
CA ARG B 134 26.14 -6.64 -15.21
C ARG B 134 25.79 -6.51 -16.68
N THR B 135 24.91 -7.37 -17.17
CA THR B 135 24.56 -7.41 -18.59
C THR B 135 23.19 -6.83 -18.90
N MET B 136 22.24 -6.89 -17.96
CA MET B 136 20.88 -6.45 -18.25
C MET B 136 20.86 -4.98 -18.67
N GLN B 137 21.54 -4.13 -17.91
CA GLN B 137 21.57 -2.71 -18.22
C GLN B 137 22.20 -2.46 -19.58
N ARG B 138 23.30 -3.15 -19.90
CA ARG B 138 23.98 -2.94 -21.18
C ARG B 138 23.11 -3.38 -22.35
N LYS B 139 22.37 -4.47 -22.19
CA LYS B 139 21.50 -4.98 -23.24
C LYS B 139 20.13 -4.32 -23.23
N ARG B 140 19.88 -3.44 -22.27
CA ARG B 140 18.63 -2.68 -22.21
C ARG B 140 17.41 -3.61 -22.11
N PHE B 141 17.56 -4.69 -21.36
CA PHE B 141 16.45 -5.58 -21.01
C PHE B 141 16.83 -6.36 -19.76
N GLY B 142 15.88 -6.45 -18.84
CA GLY B 142 16.06 -7.33 -17.69
C GLY B 142 14.76 -7.50 -16.95
N ARG B 143 14.51 -8.71 -16.46
CA ARG B 143 13.39 -8.97 -15.56
C ARG B 143 13.98 -9.61 -14.32
N ILE B 144 13.94 -8.89 -13.21
CA ILE B 144 14.35 -9.42 -11.91
C ILE B 144 13.07 -9.71 -11.16
N ILE B 145 12.80 -10.97 -10.88
CA ILE B 145 11.55 -11.40 -10.26
C ILE B 145 11.89 -12.04 -8.92
N PHE B 146 11.59 -11.34 -7.83
CA PHE B 146 11.80 -11.88 -6.50
C PHE B 146 10.57 -12.67 -6.07
N ILE B 147 10.79 -13.79 -5.40
CA ILE B 147 9.70 -14.53 -4.76
C ILE B 147 9.62 -14.08 -3.32
N GLY B 148 8.59 -13.29 -3.01
CA GLY B 148 8.38 -12.80 -1.67
C GLY B 148 7.44 -13.67 -0.88
N SER B 149 6.57 -13.05 -0.09
CA SER B 149 5.59 -13.79 0.70
C SER B 149 4.55 -12.81 1.19
N VAL B 150 3.32 -13.30 1.36
CA VAL B 150 2.28 -12.53 2.04
C VAL B 150 2.79 -12.00 3.37
N SER B 151 3.70 -12.72 4.02
CA SER B 151 4.18 -12.32 5.34
C SER B 151 4.87 -10.96 5.30
N GLY B 152 5.45 -10.59 4.15
CA GLY B 152 6.19 -9.33 4.08
C GLY B 152 5.36 -8.13 4.49
N MET B 153 4.11 -8.04 3.99
CA MET B 153 3.24 -6.91 4.32
C MET B 153 2.12 -7.26 5.28
N TRP B 154 1.86 -8.55 5.51
CA TRP B 154 0.80 -8.99 6.41
C TRP B 154 1.33 -9.33 7.79
N GLY B 155 2.60 -9.74 7.89
CA GLY B 155 3.23 -9.99 9.17
C GLY B 155 2.72 -11.25 9.86
N ILE B 156 3.00 -12.42 9.29
CA ILE B 156 2.72 -13.65 10.03
C ILE B 156 3.50 -13.61 11.33
N GLY B 157 2.84 -13.97 12.42
CA GLY B 157 3.52 -14.00 13.71
C GLY B 157 4.65 -15.02 13.72
N ASN B 158 5.61 -14.79 14.60
CA ASN B 158 6.79 -15.65 14.74
C ASN B 158 7.70 -15.62 13.52
N GLN B 159 7.66 -14.53 12.75
CA GLN B 159 8.43 -14.41 11.52
C GLN B 159 9.12 -13.06 11.43
N ALA B 160 9.65 -12.56 12.54
CA ALA B 160 10.34 -11.28 12.47
C ALA B 160 11.43 -11.31 11.42
N ASN B 161 12.13 -12.45 11.29
CA ASN B 161 13.18 -12.58 10.28
C ASN B 161 12.60 -12.75 8.88
N TYR B 162 11.69 -13.70 8.70
CA TYR B 162 11.17 -13.99 7.36
C TYR B 162 10.36 -12.82 6.82
N ALA B 163 9.53 -12.21 7.65
CA ALA B 163 8.77 -11.04 7.20
C ALA B 163 9.70 -9.88 6.87
N ALA B 164 10.76 -9.68 7.66
CA ALA B 164 11.72 -8.62 7.35
C ALA B 164 12.37 -8.87 6.00
N ALA B 165 12.82 -10.11 5.76
CA ALA B 165 13.48 -10.42 4.50
C ALA B 165 12.54 -10.26 3.31
N LYS B 166 11.30 -10.77 3.44
CA LYS B 166 10.39 -10.73 2.30
C LYS B 166 9.85 -9.33 2.03
N ALA B 167 9.67 -8.51 3.08
CA ALA B 167 9.36 -7.11 2.86
C ALA B 167 10.55 -6.36 2.27
N GLY B 168 11.77 -6.72 2.68
CA GLY B 168 12.93 -6.07 2.12
C GLY B 168 13.04 -6.23 0.61
N LEU B 169 12.51 -7.35 0.09
CA LEU B 169 12.52 -7.56 -1.36
C LEU B 169 11.71 -6.51 -2.08
N ILE B 170 10.63 -6.01 -1.45
CA ILE B 170 9.82 -4.96 -2.05
C ILE B 170 10.62 -3.68 -2.17
N GLY B 171 11.27 -3.26 -1.08
CA GLY B 171 12.08 -2.06 -1.12
C GLY B 171 13.17 -2.15 -2.16
N MET B 172 13.87 -3.29 -2.19
CA MET B 172 14.95 -3.47 -3.15
C MET B 172 14.43 -3.45 -4.59
N ALA B 173 13.31 -4.14 -4.84
CA ALA B 173 12.73 -4.14 -6.18
C ALA B 173 12.39 -2.73 -6.63
N ARG B 174 11.88 -1.92 -5.71
CA ARG B 174 11.46 -0.57 -6.06
C ARG B 174 12.64 0.34 -6.30
N SER B 175 13.70 0.23 -5.49
CA SER B 175 14.88 1.04 -5.74
C SER B 175 15.58 0.62 -7.04
N ILE B 176 15.66 -0.68 -7.29
CA ILE B 176 16.21 -1.17 -8.57
C ILE B 176 15.37 -0.66 -9.74
N SER B 177 14.04 -0.74 -9.61
CA SER B 177 13.17 -0.28 -10.70
C SER B 177 13.30 1.22 -10.91
N ARG B 178 13.38 2.01 -9.83
CA ARG B 178 13.48 3.45 -10.06
C ARG B 178 14.78 3.82 -10.76
N GLU B 179 15.86 3.09 -10.48
CA GLU B 179 17.14 3.37 -11.13
C GLU B 179 17.13 2.90 -12.59
N LEU B 180 16.63 1.69 -12.85
CA LEU B 180 16.91 0.99 -14.09
C LEU B 180 15.73 0.80 -15.04
N ALA B 181 14.50 1.18 -14.64
CA ALA B 181 13.38 0.97 -15.57
C ALA B 181 13.59 1.73 -16.87
N LYS B 182 14.27 2.88 -16.83
CA LYS B 182 14.49 3.64 -18.04
C LYS B 182 15.39 2.90 -19.02
N ALA B 183 16.15 1.92 -18.53
CA ALA B 183 17.00 1.10 -19.37
C ALA B 183 16.38 -0.24 -19.69
N GLY B 184 15.07 -0.39 -19.46
CA GLY B 184 14.38 -1.62 -19.79
C GLY B 184 14.56 -2.73 -18.79
N VAL B 185 15.02 -2.42 -17.58
CA VAL B 185 15.24 -3.42 -16.53
C VAL B 185 14.26 -3.14 -15.41
N THR B 186 13.41 -4.12 -15.12
CA THR B 186 12.40 -3.98 -14.07
C THR B 186 12.61 -5.02 -12.99
N ALA B 187 12.17 -4.69 -11.77
CA ALA B 187 12.20 -5.65 -10.68
C ALA B 187 10.84 -5.66 -10.02
N ASN B 188 10.30 -6.86 -9.82
CA ASN B 188 8.96 -7.06 -9.27
C ASN B 188 9.01 -8.21 -8.29
N VAL B 189 7.95 -8.31 -7.48
CA VAL B 189 7.85 -9.33 -6.43
C VAL B 189 6.57 -10.13 -6.67
N VAL B 190 6.68 -11.45 -6.68
CA VAL B 190 5.52 -12.33 -6.56
C VAL B 190 5.44 -12.75 -5.11
N ALA B 191 4.31 -12.48 -4.45
CA ALA B 191 4.15 -12.74 -3.03
C ALA B 191 3.14 -13.88 -2.81
N PRO B 192 3.59 -15.13 -2.72
CA PRO B 192 2.64 -16.21 -2.48
C PRO B 192 2.12 -16.21 -1.05
N GLY B 193 0.90 -16.72 -0.90
CA GLY B 193 0.42 -17.03 0.43
C GLY B 193 0.77 -18.46 0.79
N TYR B 194 -0.19 -19.20 1.33
CA TYR B 194 0.07 -20.59 1.68
C TYR B 194 -0.03 -21.46 0.43
N ILE B 195 1.06 -22.13 0.07
CA ILE B 195 1.14 -22.95 -1.12
C ILE B 195 1.38 -24.39 -0.71
N ASP B 196 0.71 -25.31 -1.39
CA ASP B 196 0.85 -26.73 -1.07
C ASP B 196 2.21 -27.23 -1.54
N THR B 197 2.99 -27.78 -0.62
CA THR B 197 4.33 -28.28 -0.93
C THR B 197 4.51 -29.72 -0.45
N ALA B 211 -4.88 -21.98 9.25
CA ALA B 211 -4.37 -21.16 8.16
C ALA B 211 -5.51 -20.74 7.24
N LEU B 212 -6.40 -21.67 6.93
CA LEU B 212 -7.50 -21.39 6.01
C LEU B 212 -8.44 -20.31 6.54
N ASP B 213 -8.48 -20.11 7.86
CA ASP B 213 -9.35 -19.09 8.42
C ASP B 213 -8.99 -17.69 7.95
N PHE B 214 -7.74 -17.48 7.53
CA PHE B 214 -7.28 -16.17 7.10
C PHE B 214 -7.26 -16.02 5.58
N ILE B 215 -7.72 -17.02 4.84
CA ILE B 215 -7.63 -17.02 3.38
C ILE B 215 -9.05 -16.90 2.83
N PRO B 216 -9.43 -15.76 2.23
CA PRO B 216 -10.78 -15.66 1.65
C PRO B 216 -11.13 -16.80 0.69
N ALA B 217 -10.17 -17.26 -0.11
CA ALA B 217 -10.43 -18.36 -1.05
C ALA B 217 -10.70 -19.69 -0.36
N LYS B 218 -10.35 -19.81 0.93
CA LYS B 218 -10.61 -21.03 1.71
C LYS B 218 -9.91 -22.25 1.12
N ARG B 219 -8.75 -22.03 0.50
CA ARG B 219 -7.93 -23.13 0.00
C ARG B 219 -6.49 -22.67 -0.05
N VAL B 220 -5.58 -23.63 -0.05
CA VAL B 220 -4.18 -23.31 -0.34
C VAL B 220 -3.99 -23.16 -1.85
N GLY B 221 -2.93 -22.45 -2.22
CA GLY B 221 -2.57 -22.33 -3.62
C GLY B 221 -1.64 -23.45 -4.06
N THR B 222 -1.38 -23.51 -5.36
CA THR B 222 -0.48 -24.51 -5.91
C THR B 222 0.78 -23.85 -6.43
N ALA B 223 1.84 -24.68 -6.54
CA ALA B 223 3.09 -24.18 -7.08
C ALA B 223 2.89 -23.69 -8.52
N GLU B 224 1.99 -24.33 -9.26
CA GLU B 224 1.73 -23.94 -10.63
C GLU B 224 1.02 -22.61 -10.73
N GLU B 225 0.27 -22.22 -9.69
CA GLU B 225 -0.31 -20.89 -9.64
C GLU B 225 0.76 -19.82 -9.42
N VAL B 226 1.72 -20.09 -8.54
CA VAL B 226 2.86 -19.19 -8.41
C VAL B 226 3.60 -19.07 -9.74
N ALA B 227 3.86 -20.21 -10.38
CA ALA B 227 4.57 -20.20 -11.66
C ALA B 227 3.81 -19.43 -12.74
N GLY B 228 2.48 -19.45 -12.69
CA GLY B 228 1.72 -18.67 -13.67
C GLY B 228 1.95 -17.18 -13.51
N ALA B 229 2.07 -16.71 -12.27
CA ALA B 229 2.38 -15.29 -12.05
C ALA B 229 3.78 -14.95 -12.52
N VAL B 230 4.75 -15.82 -12.23
CA VAL B 230 6.11 -15.60 -12.72
C VAL B 230 6.15 -15.62 -14.25
N SER B 231 5.42 -16.55 -14.87
CA SER B 231 5.34 -16.60 -16.33
C SER B 231 4.86 -15.28 -16.90
N PHE B 232 3.82 -14.70 -16.30
CA PHE B 232 3.34 -13.40 -16.74
C PHE B 232 4.41 -12.32 -16.61
N LEU B 233 5.09 -12.26 -15.46
CA LEU B 233 6.09 -11.20 -15.26
C LEU B 233 7.32 -11.38 -16.14
N ALA B 234 7.61 -12.59 -16.59
CA ALA B 234 8.71 -12.81 -17.51
C ALA B 234 8.31 -12.54 -18.96
N SER B 235 7.04 -12.34 -19.22
CA SER B 235 6.52 -12.31 -20.59
C SER B 235 6.55 -10.90 -21.18
N GLU B 236 6.24 -10.84 -22.46
CA GLU B 236 6.12 -9.57 -23.18
C GLU B 236 4.87 -8.79 -22.81
N ASP B 237 4.01 -9.31 -21.94
CA ASP B 237 2.85 -8.59 -21.43
C ASP B 237 3.14 -7.80 -20.16
N ALA B 238 4.39 -7.78 -19.68
CA ALA B 238 4.67 -7.19 -18.38
C ALA B 238 5.80 -6.16 -18.44
N SER B 239 6.06 -5.60 -19.62
CA SER B 239 7.17 -4.64 -19.76
C SER B 239 6.91 -3.35 -19.00
N TYR B 240 5.64 -2.95 -18.82
CA TYR B 240 5.29 -1.70 -18.16
C TYR B 240 4.94 -1.87 -16.68
N ILE B 241 5.38 -2.98 -16.08
CA ILE B 241 5.15 -3.29 -14.67
C ILE B 241 6.50 -3.26 -13.95
N ALA B 242 6.64 -2.38 -12.96
CA ALA B 242 7.92 -2.22 -12.28
C ALA B 242 7.67 -1.87 -10.83
N GLY B 243 8.36 -2.58 -9.92
CA GLY B 243 8.19 -2.38 -8.50
C GLY B 243 6.89 -2.89 -7.95
N ALA B 244 6.20 -3.76 -8.66
CA ALA B 244 4.89 -4.24 -8.24
C ALA B 244 5.02 -5.49 -7.38
N VAL B 245 4.03 -5.67 -6.51
CA VAL B 245 3.84 -6.90 -5.75
C VAL B 245 2.62 -7.60 -6.32
N ILE B 246 2.81 -8.79 -6.87
CA ILE B 246 1.72 -9.61 -7.37
C ILE B 246 1.38 -10.64 -6.28
N PRO B 247 0.29 -10.48 -5.53
CA PRO B 247 -0.03 -11.44 -4.47
C PRO B 247 -0.74 -12.66 -5.04
N VAL B 248 -0.23 -13.84 -4.72
CA VAL B 248 -0.83 -15.10 -5.13
C VAL B 248 -1.19 -15.83 -3.84
N ASP B 249 -2.30 -15.42 -3.24
CA ASP B 249 -2.56 -15.77 -1.85
C ASP B 249 -4.04 -15.96 -1.54
N GLY B 250 -4.91 -16.05 -2.55
CA GLY B 250 -6.33 -16.23 -2.30
C GLY B 250 -6.97 -15.08 -1.54
N GLY B 251 -6.36 -13.90 -1.58
CA GLY B 251 -6.85 -12.73 -0.88
C GLY B 251 -6.35 -12.56 0.54
N MET B 252 -5.48 -13.45 1.04
CA MET B 252 -5.07 -13.44 2.44
C MET B 252 -4.47 -12.10 2.86
N GLY B 253 -3.64 -11.52 2.02
CA GLY B 253 -2.86 -10.36 2.45
C GLY B 253 -3.52 -9.01 2.26
N MET B 254 -4.80 -8.96 1.87
CA MET B 254 -5.45 -7.70 1.58
C MET B 254 -5.38 -6.76 2.77
N GLY B 255 -4.89 -5.55 2.53
CA GLY B 255 -4.80 -4.56 3.59
C GLY B 255 -3.94 -3.39 3.19
N HIS B 256 -3.35 -2.75 4.19
CA HIS B 256 -2.49 -1.61 3.96
C HIS B 256 -1.49 -1.49 5.10
N ALA C 15 16.18 25.46 16.99
CA ALA C 15 15.02 24.55 16.97
C ALA C 15 14.46 24.33 18.38
N THR C 16 13.15 24.41 18.50
CA THR C 16 12.47 24.11 19.75
C THR C 16 12.46 22.60 19.97
N ALA C 17 12.86 22.16 21.17
CA ALA C 17 12.99 20.73 21.40
C ALA C 17 11.66 20.04 21.67
N GLY C 18 10.72 20.74 22.33
CA GLY C 18 9.51 20.13 22.83
C GLY C 18 8.31 20.34 21.92
N ARG C 19 7.14 20.01 22.45
CA ARG C 19 5.92 20.14 21.68
C ARG C 19 5.76 21.58 21.20
N PRO C 20 5.48 21.81 19.93
CA PRO C 20 5.38 23.19 19.45
C PRO C 20 4.28 23.96 20.15
N ALA C 21 4.44 25.29 20.16
CA ALA C 21 3.41 26.16 20.71
C ALA C 21 2.08 25.87 20.03
N PHE C 22 1.02 25.85 20.83
CA PHE C 22 -0.30 25.53 20.33
C PHE C 22 -0.90 26.70 19.57
N VAL C 23 -1.56 26.39 18.45
CA VAL C 23 -2.34 27.37 17.69
C VAL C 23 -3.80 26.93 17.74
N SER C 24 -4.67 27.81 18.25
CA SER C 24 -6.10 27.52 18.30
C SER C 24 -6.70 27.65 16.90
N ARG C 25 -7.12 26.53 16.33
CA ARG C 25 -7.66 26.51 14.98
C ARG C 25 -9.18 26.52 14.98
N SER C 26 -9.75 27.08 13.92
CA SER C 26 -11.17 26.96 13.65
C SER C 26 -11.44 25.56 13.12
N VAL C 27 -12.18 24.76 13.88
CA VAL C 27 -12.42 23.35 13.58
C VAL C 27 -13.89 23.16 13.25
N LEU C 28 -14.17 22.36 12.22
CA LEU C 28 -15.52 21.86 11.97
C LEU C 28 -15.47 20.34 11.92
N VAL C 29 -16.26 19.68 12.77
CA VAL C 29 -16.42 18.22 12.76
C VAL C 29 -17.81 17.93 12.23
N THR C 30 -17.89 17.32 11.04
CA THR C 30 -19.19 16.88 10.55
C THR C 30 -19.55 15.57 11.26
N GLY C 31 -20.84 15.38 11.52
CA GLY C 31 -21.24 14.26 12.36
C GLY C 31 -20.63 14.34 13.75
N GLY C 32 -20.56 15.53 14.32
CA GLY C 32 -19.91 15.74 15.60
C GLY C 32 -20.83 15.78 16.79
N ASN C 33 -22.11 15.41 16.62
CA ASN C 33 -23.08 15.57 17.68
C ASN C 33 -23.23 14.34 18.56
N ARG C 34 -22.75 13.18 18.13
CA ARG C 34 -22.80 11.98 18.95
C ARG C 34 -21.67 11.05 18.54
N GLY C 35 -21.48 10.00 19.34
CA GLY C 35 -20.59 8.91 18.97
C GLY C 35 -19.15 9.33 18.81
N ILE C 36 -18.49 8.73 17.82
CA ILE C 36 -17.07 9.01 17.57
C ILE C 36 -16.87 10.48 17.24
N GLY C 37 -17.78 11.06 16.47
CA GLY C 37 -17.64 12.47 16.10
C GLY C 37 -17.67 13.37 17.30
N LEU C 38 -18.54 13.07 18.27
CA LEU C 38 -18.60 13.86 19.50
C LEU C 38 -17.33 13.70 20.33
N ALA C 39 -16.76 12.49 20.36
CA ALA C 39 -15.48 12.32 21.05
C ALA C 39 -14.38 13.13 20.37
N ILE C 40 -14.38 13.14 19.03
CA ILE C 40 -13.42 13.96 18.29
C ILE C 40 -13.61 15.43 18.64
N ALA C 41 -14.85 15.91 18.59
CA ALA C 41 -15.11 17.32 18.85
C ALA C 41 -14.69 17.72 20.26
N ARG C 42 -15.04 16.90 21.25
CA ARG C 42 -14.67 17.19 22.64
C ARG C 42 -13.16 17.17 22.83
N ARG C 43 -12.47 16.25 22.16
CA ARG C 43 -11.01 16.22 22.29
C ARG C 43 -10.38 17.46 21.67
N LEU C 44 -10.84 17.87 20.48
CA LEU C 44 -10.24 19.04 19.85
C LEU C 44 -10.55 20.30 20.64
N ALA C 45 -11.73 20.38 21.26
CA ALA C 45 -12.02 21.53 22.11
C ALA C 45 -11.11 21.54 23.34
N ALA C 46 -10.92 20.37 23.96
CA ALA C 46 -10.04 20.26 25.12
C ALA C 46 -8.60 20.59 24.78
N ASP C 47 -8.16 20.27 23.54
CA ASP C 47 -6.82 20.66 23.07
C ASP C 47 -6.64 22.17 23.01
N GLY C 48 -7.75 22.92 22.90
CA GLY C 48 -7.70 24.37 22.79
C GLY C 48 -8.23 24.95 21.49
N HIS C 49 -8.79 24.12 20.61
CA HIS C 49 -9.33 24.62 19.35
C HIS C 49 -10.72 25.22 19.53
N LYS C 50 -11.14 26.01 18.52
CA LYS C 50 -12.50 26.56 18.44
C LYS C 50 -13.31 25.56 17.63
N VAL C 51 -14.25 24.87 18.28
CA VAL C 51 -14.84 23.67 17.69
C VAL C 51 -16.30 23.90 17.36
N ALA C 52 -16.64 23.70 16.10
CA ALA C 52 -18.02 23.65 15.63
C ALA C 52 -18.33 22.23 15.18
N VAL C 53 -19.61 21.85 15.29
CA VAL C 53 -20.06 20.53 14.84
C VAL C 53 -21.31 20.72 13.99
N THR C 54 -21.49 19.83 13.01
CA THR C 54 -22.76 19.77 12.32
C THR C 54 -23.71 18.82 13.03
N HIS C 55 -24.99 19.05 12.82
CA HIS C 55 -26.04 18.19 13.33
C HIS C 55 -27.19 18.27 12.36
N ARG C 56 -28.15 17.36 12.50
CA ARG C 56 -29.35 17.36 11.67
C ARG C 56 -30.60 17.60 12.50
N GLY C 57 -30.46 18.38 13.58
CA GLY C 57 -31.61 18.74 14.38
C GLY C 57 -31.41 18.54 15.87
N SER C 58 -30.51 17.63 16.24
CA SER C 58 -30.27 17.35 17.66
C SER C 58 -29.61 18.52 18.37
N GLY C 59 -29.02 19.46 17.63
CA GLY C 59 -28.25 20.52 18.24
C GLY C 59 -26.88 20.03 18.68
N ALA C 60 -26.08 20.98 19.17
CA ALA C 60 -24.71 20.65 19.54
C ALA C 60 -24.59 20.42 21.03
N PRO C 61 -23.81 19.43 21.44
CA PRO C 61 -23.65 19.12 22.86
C PRO C 61 -22.68 20.11 23.52
N ASP C 62 -22.56 19.97 24.84
CA ASP C 62 -21.62 20.72 25.65
C ASP C 62 -21.66 22.22 25.33
N ASP C 63 -20.49 22.83 25.26
CA ASP C 63 -20.40 24.22 24.80
C ASP C 63 -19.65 24.24 23.47
N LEU C 64 -20.22 23.57 22.47
CA LEU C 64 -19.72 23.57 21.12
C LEU C 64 -20.69 24.32 20.22
N PHE C 65 -20.16 24.96 19.19
CA PHE C 65 -20.98 25.72 18.26
C PHE C 65 -21.60 24.75 17.26
N GLY C 66 -22.92 24.75 17.16
CA GLY C 66 -23.63 23.83 16.28
C GLY C 66 -24.17 24.53 15.05
N VAL C 67 -24.04 23.86 13.91
N VAL C 67 -24.09 23.84 13.92
CA VAL C 67 -24.68 24.29 12.67
CA VAL C 67 -24.68 24.29 12.67
C VAL C 67 -25.44 23.11 12.08
C VAL C 67 -25.43 23.12 12.06
N GLN C 68 -26.64 23.37 11.58
CA GLN C 68 -27.44 22.32 10.96
C GLN C 68 -26.92 22.09 9.54
N CYS C 69 -26.67 20.83 9.21
CA CYS C 69 -26.07 20.52 7.91
C CYS C 69 -26.29 19.06 7.57
N ASP C 70 -26.97 18.79 6.46
CA ASP C 70 -26.97 17.47 5.84
C ASP C 70 -25.91 17.48 4.74
N VAL C 71 -24.91 16.60 4.88
CA VAL C 71 -23.76 16.60 3.96
C VAL C 71 -24.09 16.02 2.58
N THR C 72 -25.34 15.58 2.37
CA THR C 72 -25.79 15.25 1.03
C THR C 72 -26.31 16.48 0.27
N ASP C 73 -26.34 17.64 0.92
CA ASP C 73 -26.94 18.85 0.38
C ASP C 73 -25.83 19.90 0.25
N SER C 74 -25.39 20.15 -0.99
CA SER C 74 -24.30 21.09 -1.23
C SER C 74 -24.63 22.50 -0.76
N ALA C 75 -25.89 22.92 -0.91
CA ALA C 75 -26.29 24.25 -0.46
C ALA C 75 -26.23 24.35 1.06
N ALA C 76 -26.66 23.30 1.75
CA ALA C 76 -26.54 23.28 3.21
C ALA C 76 -25.08 23.32 3.65
N VAL C 77 -24.21 22.59 2.96
CA VAL C 77 -22.79 22.60 3.28
C VAL C 77 -22.23 24.00 3.15
N ASP C 78 -22.56 24.68 2.04
CA ASP C 78 -22.11 26.04 1.82
C ASP C 78 -22.57 26.96 2.94
N ARG C 79 -23.84 26.87 3.30
CA ARG C 79 -24.40 27.75 4.33
C ARG C 79 -23.81 27.44 5.70
N ALA C 80 -23.57 26.15 5.98
CA ALA C 80 -22.98 25.77 7.26
C ALA C 80 -21.58 26.35 7.41
N PHE C 81 -20.77 26.27 6.35
CA PHE C 81 -19.43 26.81 6.43
C PHE C 81 -19.45 28.33 6.62
N LYS C 82 -20.41 29.00 5.99
CA LYS C 82 -20.52 30.45 6.17
C LYS C 82 -20.88 30.81 7.60
N GLU C 83 -21.78 30.04 8.21
CA GLU C 83 -22.14 30.26 9.61
C GLU C 83 -20.93 30.06 10.52
N VAL C 84 -20.14 29.02 10.26
CA VAL C 84 -18.95 28.77 11.08
C VAL C 84 -17.95 29.91 10.92
N GLU C 85 -17.72 30.35 9.68
CA GLU C 85 -16.75 31.42 9.45
C GLU C 85 -17.16 32.70 10.18
N GLU C 86 -18.45 33.05 10.13
CA GLU C 86 -18.89 34.26 10.83
C GLU C 86 -18.67 34.11 12.34
N HIS C 87 -18.85 32.90 12.86
CA HIS C 87 -18.74 32.69 14.31
C HIS C 87 -17.29 32.68 14.78
N GLN C 88 -16.43 31.93 14.10
CA GLN C 88 -15.11 31.60 14.65
C GLN C 88 -13.98 31.70 13.63
N GLY C 89 -14.23 32.26 12.44
CA GLY C 89 -13.21 32.33 11.42
C GLY C 89 -13.30 31.16 10.47
N PRO C 90 -12.74 31.30 9.27
CA PRO C 90 -12.82 30.20 8.29
C PRO C 90 -12.23 28.92 8.82
N VAL C 91 -12.85 27.80 8.42
CA VAL C 91 -12.46 26.48 8.91
C VAL C 91 -11.03 26.18 8.48
N GLU C 92 -10.16 25.95 9.46
CA GLU C 92 -8.77 25.56 9.20
C GLU C 92 -8.56 24.07 9.31
N VAL C 93 -9.38 23.40 10.11
CA VAL C 93 -9.30 21.96 10.32
C VAL C 93 -10.70 21.41 10.10
N LEU C 94 -10.86 20.60 9.06
CA LEU C 94 -12.11 19.92 8.77
C LEU C 94 -11.94 18.46 9.13
N VAL C 95 -12.83 17.95 9.98
CA VAL C 95 -12.91 16.52 10.26
C VAL C 95 -14.23 16.02 9.69
N ALA C 96 -14.14 15.26 8.59
CA ALA C 96 -15.32 14.75 7.89
C ALA C 96 -15.67 13.38 8.49
N ASN C 97 -16.42 13.41 9.58
CA ASN C 97 -16.82 12.20 10.28
C ASN C 97 -18.22 11.71 9.93
N ALA C 98 -19.06 12.56 9.34
CA ALA C 98 -20.43 12.15 9.02
C ALA C 98 -20.40 10.93 8.11
N GLY C 99 -21.16 9.91 8.47
CA GLY C 99 -21.14 8.68 7.71
C GLY C 99 -22.29 7.77 8.09
N ILE C 100 -22.56 6.81 7.20
CA ILE C 100 -23.59 5.81 7.44
C ILE C 100 -23.08 4.47 6.92
N SER C 101 -23.69 3.42 7.45
CA SER C 101 -23.47 2.06 6.98
C SER C 101 -24.80 1.48 6.52
N LYS C 102 -24.78 0.82 5.35
CA LYS C 102 -25.92 0.07 4.83
C LYS C 102 -25.37 -1.26 4.30
N ASP C 103 -24.95 -2.13 5.22
CA ASP C 103 -24.29 -3.36 4.84
C ASP C 103 -25.24 -4.31 4.12
N ALA C 104 -24.69 -5.12 3.23
CA ALA C 104 -25.40 -6.17 2.52
C ALA C 104 -24.39 -7.00 1.73
N PHE C 105 -24.67 -8.27 1.59
CA PHE C 105 -23.88 -9.08 0.68
C PHE C 105 -24.15 -8.63 -0.75
N LEU C 106 -23.17 -8.87 -1.62
CA LEU C 106 -23.17 -8.25 -2.94
C LEU C 106 -24.46 -8.53 -3.71
N MET C 107 -24.89 -9.79 -3.75
CA MET C 107 -26.06 -10.15 -4.54
C MET C 107 -27.33 -9.48 -4.02
N ARG C 108 -27.36 -9.07 -2.75
CA ARG C 108 -28.53 -8.43 -2.17
C ARG C 108 -28.39 -6.93 -2.06
N MET C 109 -27.26 -6.36 -2.47
CA MET C 109 -27.07 -4.92 -2.37
C MET C 109 -27.77 -4.21 -3.52
N THR C 110 -28.62 -3.26 -3.19
CA THR C 110 -29.37 -2.51 -4.19
C THR C 110 -28.59 -1.27 -4.61
N GLU C 111 -28.98 -0.72 -5.77
CA GLU C 111 -28.42 0.55 -6.22
C GLU C 111 -28.63 1.64 -5.18
N GLU C 112 -29.84 1.73 -4.63
CA GLU C 112 -30.13 2.75 -3.61
C GLU C 112 -29.22 2.61 -2.40
N ARG C 113 -29.01 1.38 -1.94
CA ARG C 113 -28.20 1.14 -0.75
C ARG C 113 -26.73 1.47 -1.02
N PHE C 114 -26.26 1.20 -2.23
CA PHE C 114 -24.90 1.57 -2.60
C PHE C 114 -24.77 3.08 -2.69
N GLU C 115 -25.68 3.74 -3.40
CA GLU C 115 -25.53 5.18 -3.64
C GLU C 115 -25.73 6.00 -2.37
N GLU C 116 -26.62 5.55 -1.47
CA GLU C 116 -26.80 6.27 -0.22
C GLU C 116 -25.51 6.35 0.56
N VAL C 117 -24.79 5.23 0.65
CA VAL C 117 -23.53 5.21 1.39
C VAL C 117 -22.47 6.03 0.68
N ILE C 118 -22.39 5.93 -0.65
CA ILE C 118 -21.46 6.77 -1.40
C ILE C 118 -21.77 8.25 -1.18
N ASN C 119 -23.05 8.62 -1.28
CA ASN C 119 -23.39 10.05 -1.26
C ASN C 119 -23.07 10.70 0.08
N THR C 120 -23.34 10.01 1.19
CA THR C 120 -23.02 10.56 2.50
C THR C 120 -21.52 10.47 2.79
N ASN C 121 -20.93 9.28 2.63
CA ASN C 121 -19.60 9.02 3.14
C ASN C 121 -18.51 9.57 2.23
N LEU C 122 -18.70 9.49 0.91
CA LEU C 122 -17.67 9.89 -0.05
C LEU C 122 -17.99 11.25 -0.64
N THR C 123 -19.13 11.39 -1.31
CA THR C 123 -19.48 12.68 -1.89
C THR C 123 -19.67 13.72 -0.81
N GLY C 124 -20.27 13.32 0.32
CA GLY C 124 -20.46 14.25 1.41
C GLY C 124 -19.14 14.77 1.96
N ALA C 125 -18.15 13.90 2.09
CA ALA C 125 -16.82 14.34 2.48
C ALA C 125 -16.22 15.28 1.43
N PHE C 126 -16.39 14.96 0.14
CA PHE C 126 -15.94 15.88 -0.91
C PHE C 126 -16.62 17.25 -0.77
N ARG C 127 -17.93 17.27 -0.59
CA ARG C 127 -18.64 18.55 -0.51
C ARG C 127 -18.02 19.44 0.57
N CYS C 128 -17.70 18.85 1.71
CA CYS C 128 -17.11 19.61 2.81
C CYS C 128 -15.69 20.02 2.52
N ALA C 129 -14.87 19.11 1.96
CA ALA C 129 -13.50 19.46 1.62
C ALA C 129 -13.44 20.54 0.55
N GLN C 130 -14.30 20.42 -0.47
CA GLN C 130 -14.32 21.41 -1.54
C GLN C 130 -14.69 22.79 -0.99
N ARG C 131 -15.71 22.85 -0.13
CA ARG C 131 -16.11 24.13 0.44
C ARG C 131 -15.05 24.69 1.37
N ALA C 132 -14.37 23.83 2.13
CA ALA C 132 -13.30 24.28 3.02
C ALA C 132 -12.13 24.86 2.24
N SER C 133 -11.84 24.31 1.05
CA SER C 133 -10.66 24.74 0.30
C SER C 133 -10.75 26.20 -0.14
N ARG C 134 -11.97 26.74 -0.27
CA ARG C 134 -12.15 28.13 -0.70
C ARG C 134 -11.32 29.09 0.14
N THR C 135 -11.25 28.85 1.45
CA THR C 135 -10.50 29.72 2.34
C THR C 135 -9.15 29.15 2.72
N MET C 136 -9.02 27.83 2.81
CA MET C 136 -7.76 27.22 3.23
C MET C 136 -6.63 27.59 2.27
N GLN C 137 -6.90 27.47 0.97
CA GLN C 137 -5.90 27.78 -0.03
C GLN C 137 -5.51 29.25 0.03
N ARG C 138 -6.49 30.13 0.26
CA ARG C 138 -6.20 31.56 0.34
C ARG C 138 -5.35 31.89 1.56
N LYS C 139 -5.63 31.24 2.68
CA LYS C 139 -4.90 31.46 3.92
C LYS C 139 -3.62 30.64 4.02
N ARG C 140 -3.36 29.76 3.05
CA ARG C 140 -2.15 28.94 3.00
C ARG C 140 -2.00 28.05 4.23
N PHE C 141 -3.14 27.55 4.72
CA PHE C 141 -3.15 26.56 5.80
C PHE C 141 -4.45 25.78 5.70
N GLY C 142 -4.35 24.46 5.82
CA GLY C 142 -5.56 23.69 6.00
C GLY C 142 -5.25 22.26 6.37
N ARG C 143 -6.13 21.64 7.14
N ARG C 143 -6.08 21.69 7.22
CA ARG C 143 -6.00 20.22 7.50
CA ARG C 143 -6.05 20.27 7.51
C ARG C 143 -7.34 19.55 7.25
C ARG C 143 -7.42 19.74 7.10
N ILE C 144 -7.43 18.80 6.15
CA ILE C 144 -8.63 18.06 5.80
C ILE C 144 -8.40 16.65 6.30
N ILE C 145 -9.20 16.21 7.26
CA ILE C 145 -9.02 14.94 7.94
C ILE C 145 -10.27 14.10 7.67
N PHE C 146 -10.15 13.11 6.80
CA PHE C 146 -11.28 12.24 6.53
C PHE C 146 -11.25 11.10 7.53
N ILE C 147 -12.43 10.70 7.99
CA ILE C 147 -12.57 9.49 8.80
C ILE C 147 -12.90 8.34 7.85
N GLY C 148 -11.92 7.49 7.61
CA GLY C 148 -12.09 6.33 6.74
C GLY C 148 -12.46 5.09 7.53
N SER C 149 -11.92 3.93 7.14
CA SER C 149 -12.20 2.68 7.81
C SER C 149 -11.17 1.66 7.39
N VAL C 150 -10.85 0.74 8.31
CA VAL C 150 -10.08 -0.44 7.94
C VAL C 150 -10.67 -1.11 6.71
N SER C 151 -11.99 -1.06 6.56
CA SER C 151 -12.67 -1.73 5.46
C SER C 151 -12.20 -1.22 4.10
N GLY C 152 -11.79 0.05 4.02
CA GLY C 152 -11.35 0.62 2.74
C GLY C 152 -10.28 -0.20 2.05
N MET C 153 -9.26 -0.63 2.79
CA MET C 153 -8.17 -1.39 2.21
C MET C 153 -8.19 -2.87 2.58
N TRP C 154 -8.96 -3.24 3.59
CA TRP C 154 -9.03 -4.63 4.02
C TRP C 154 -10.24 -5.36 3.44
N GLY C 155 -11.32 -4.64 3.15
CA GLY C 155 -12.47 -5.24 2.49
C GLY C 155 -13.36 -6.11 3.35
N ILE C 156 -14.08 -5.51 4.31
CA ILE C 156 -15.07 -6.29 5.05
C ILE C 156 -16.13 -6.81 4.08
N GLY C 157 -16.54 -8.06 4.26
CA GLY C 157 -17.23 -8.79 3.22
C GLY C 157 -18.64 -8.33 2.88
N ASN C 158 -19.35 -7.73 3.84
CA ASN C 158 -20.70 -7.29 3.54
C ASN C 158 -20.79 -5.78 3.31
N GLN C 159 -19.78 -5.18 2.65
CA GLN C 159 -19.59 -3.75 2.68
C GLN C 159 -19.04 -3.21 1.37
N ALA C 160 -19.47 -3.77 0.23
CA ALA C 160 -18.99 -3.26 -1.06
C ALA C 160 -19.16 -1.75 -1.14
N ASN C 161 -20.28 -1.22 -0.63
CA ASN C 161 -20.53 0.22 -0.68
C ASN C 161 -19.66 0.97 0.32
N TYR C 162 -19.62 0.51 1.56
CA TYR C 162 -18.83 1.18 2.60
C TYR C 162 -17.34 1.12 2.29
N ALA C 163 -16.84 -0.04 1.85
CA ALA C 163 -15.42 -0.15 1.53
C ALA C 163 -15.06 0.72 0.32
N ALA C 164 -15.95 0.80 -0.68
CA ALA C 164 -15.72 1.69 -1.81
C ALA C 164 -15.64 3.14 -1.35
N ALA C 165 -16.60 3.58 -0.53
CA ALA C 165 -16.61 4.96 -0.06
C ALA C 165 -15.37 5.27 0.75
N LYS C 166 -14.99 4.38 1.66
CA LYS C 166 -13.89 4.66 2.57
C LYS C 166 -12.53 4.54 1.88
N ALA C 167 -12.40 3.65 0.89
CA ALA C 167 -11.21 3.66 0.06
C ALA C 167 -11.15 4.90 -0.81
N GLY C 168 -12.31 5.33 -1.32
CA GLY C 168 -12.35 6.54 -2.13
C GLY C 168 -11.78 7.75 -1.40
N LEU C 169 -11.93 7.80 -0.07
CA LEU C 169 -11.37 8.92 0.69
C LEU C 169 -9.85 8.96 0.58
N ILE C 170 -9.21 7.80 0.44
CA ILE C 170 -7.76 7.77 0.31
C ILE C 170 -7.35 8.42 -1.00
N GLY C 171 -7.98 8.02 -2.10
CA GLY C 171 -7.65 8.62 -3.38
C GLY C 171 -7.92 10.11 -3.40
N MET C 172 -9.06 10.53 -2.85
CA MET C 172 -9.37 11.95 -2.76
C MET C 172 -8.33 12.70 -1.93
N ALA C 173 -7.96 12.15 -0.77
CA ALA C 173 -6.98 12.82 0.07
C ALA C 173 -5.65 12.97 -0.64
N ARG C 174 -5.25 11.96 -1.41
CA ARG C 174 -3.97 12.03 -2.09
C ARG C 174 -3.99 13.00 -3.24
N SER C 175 -5.09 13.06 -4.00
CA SER C 175 -5.19 14.05 -5.07
C SER C 175 -5.22 15.47 -4.51
N ILE C 176 -5.98 15.67 -3.43
CA ILE C 176 -6.01 16.99 -2.79
C ILE C 176 -4.61 17.38 -2.32
N SER C 177 -3.92 16.45 -1.67
CA SER C 177 -2.59 16.73 -1.14
C SER C 177 -1.60 17.02 -2.26
N ARG C 178 -1.65 16.25 -3.36
CA ARG C 178 -0.70 16.51 -4.42
C ARG C 178 -0.89 17.90 -5.02
N GLU C 179 -2.14 18.37 -5.11
CA GLU C 179 -2.43 19.71 -5.63
C GLU C 179 -2.03 20.80 -4.63
N LEU C 180 -2.39 20.62 -3.35
CA LEU C 180 -2.46 21.74 -2.42
C LEU C 180 -1.44 21.72 -1.28
N ALA C 181 -0.68 20.63 -1.10
CA ALA C 181 0.28 20.64 0.00
C ALA C 181 1.32 21.75 -0.15
N LYS C 182 1.62 22.18 -1.37
CA LYS C 182 2.56 23.27 -1.57
C LYS C 182 2.00 24.59 -1.05
N ALA C 183 0.68 24.67 -0.88
CA ALA C 183 0.02 25.83 -0.31
C ALA C 183 -0.32 25.63 1.16
N GLY C 184 0.28 24.64 1.81
CA GLY C 184 0.05 24.41 3.22
C GLY C 184 -1.25 23.71 3.56
N VAL C 185 -1.88 23.07 2.58
CA VAL C 185 -3.17 22.39 2.76
C VAL C 185 -2.94 20.90 2.52
N THR C 186 -3.17 20.09 3.55
CA THR C 186 -2.99 18.65 3.47
C THR C 186 -4.32 17.95 3.72
N ALA C 187 -4.44 16.75 3.18
CA ALA C 187 -5.58 15.88 3.41
C ALA C 187 -5.05 14.51 3.80
N ASN C 188 -5.55 13.99 4.91
CA ASN C 188 -5.14 12.70 5.45
C ASN C 188 -6.38 11.94 5.90
N VAL C 189 -6.19 10.64 6.16
CA VAL C 189 -7.29 9.74 6.53
C VAL C 189 -6.94 9.05 7.84
N VAL C 190 -7.85 9.11 8.81
CA VAL C 190 -7.79 8.25 9.99
C VAL C 190 -8.71 7.07 9.70
N ALA C 191 -8.17 5.85 9.77
CA ALA C 191 -8.94 4.66 9.41
C ALA C 191 -9.17 3.80 10.64
N PRO C 192 -10.28 3.98 11.35
CA PRO C 192 -10.55 3.15 12.53
C PRO C 192 -10.92 1.74 12.14
N GLY C 193 -10.59 0.81 13.03
CA GLY C 193 -11.12 -0.54 12.93
C GLY C 193 -12.43 -0.66 13.67
N TYR C 194 -12.60 -1.70 14.47
CA TYR C 194 -13.81 -1.84 15.26
C TYR C 194 -13.67 -0.98 16.51
N ILE C 195 -14.62 -0.07 16.71
CA ILE C 195 -14.59 0.89 17.82
C ILE C 195 -15.84 0.70 18.65
N ASP C 196 -15.69 0.78 19.96
CA ASP C 196 -16.83 0.66 20.86
C ASP C 196 -17.79 1.83 20.68
N LEU C 212 -13.03 -10.15 16.88
CA LEU C 212 -11.78 -10.03 17.63
C LEU C 212 -10.69 -10.94 17.06
N ASP C 213 -11.12 -11.99 16.36
CA ASP C 213 -10.15 -12.95 15.83
C ASP C 213 -9.26 -12.33 14.76
N PHE C 214 -9.78 -11.35 14.03
CA PHE C 214 -8.98 -10.67 13.02
C PHE C 214 -8.21 -9.48 13.57
N ILE C 215 -8.26 -9.21 14.87
CA ILE C 215 -7.63 -8.04 15.47
C ILE C 215 -6.45 -8.50 16.31
N PRO C 216 -5.21 -8.20 15.92
CA PRO C 216 -4.05 -8.59 16.75
C PRO C 216 -4.13 -8.12 18.20
N ALA C 217 -4.66 -6.93 18.43
CA ALA C 217 -4.78 -6.42 19.79
C ALA C 217 -5.78 -7.21 20.63
N LYS C 218 -6.65 -7.99 19.99
CA LYS C 218 -7.64 -8.81 20.70
C LYS C 218 -8.60 -7.96 21.53
N ARG C 219 -8.89 -6.75 21.06
CA ARG C 219 -9.87 -5.88 21.71
C ARG C 219 -10.38 -4.89 20.67
N VAL C 220 -11.53 -4.29 20.98
CA VAL C 220 -12.02 -3.17 20.19
C VAL C 220 -11.36 -1.89 20.67
N GLY C 221 -11.37 -0.88 19.82
CA GLY C 221 -10.86 0.42 20.19
C GLY C 221 -11.93 1.29 20.80
N THR C 222 -11.50 2.46 21.26
CA THR C 222 -12.43 3.42 21.84
C THR C 222 -12.54 4.66 20.96
N ALA C 223 -13.66 5.38 21.14
CA ALA C 223 -13.83 6.62 20.39
C ALA C 223 -12.71 7.61 20.72
N GLU C 224 -12.23 7.56 21.96
CA GLU C 224 -11.17 8.47 22.40
C GLU C 224 -9.83 8.13 21.75
N GLU C 225 -9.60 6.86 21.39
CA GLU C 225 -8.41 6.52 20.62
C GLU C 225 -8.47 7.05 19.20
N VAL C 226 -9.65 6.98 18.56
CA VAL C 226 -9.81 7.65 17.27
C VAL C 226 -9.56 9.15 17.42
N ALA C 227 -10.15 9.75 18.45
CA ALA C 227 -10.00 11.21 18.65
C ALA C 227 -8.54 11.59 18.88
N GLY C 228 -7.76 10.69 19.50
CA GLY C 228 -6.35 10.98 19.71
C GLY C 228 -5.57 11.06 18.42
N ALA C 229 -5.89 10.21 17.44
CA ALA C 229 -5.22 10.31 16.14
C ALA C 229 -5.64 11.57 15.39
N VAL C 230 -6.93 11.92 15.44
CA VAL C 230 -7.40 13.17 14.87
C VAL C 230 -6.71 14.37 15.52
N SER C 231 -6.57 14.33 16.85
CA SER C 231 -5.89 15.41 17.56
C SER C 231 -4.47 15.58 17.05
N PHE C 232 -3.75 14.48 16.87
CA PHE C 232 -2.41 14.53 16.31
C PHE C 232 -2.41 15.17 14.93
N LEU C 233 -3.30 14.73 14.04
CA LEU C 233 -3.34 15.27 12.69
C LEU C 233 -3.78 16.73 12.63
N ALA C 234 -4.50 17.21 13.65
CA ALA C 234 -4.89 18.60 13.73
C ALA C 234 -3.84 19.46 14.43
N SER C 235 -2.74 18.87 14.87
CA SER C 235 -1.79 19.56 15.75
C SER C 235 -0.64 20.14 14.94
N GLU C 236 0.19 20.91 15.63
CA GLU C 236 1.41 21.45 15.05
C GLU C 236 2.50 20.39 14.84
N ASP C 237 2.22 19.13 15.14
CA ASP C 237 3.15 18.03 14.93
C ASP C 237 2.89 17.26 13.64
N ALA C 238 1.94 17.70 12.80
CA ALA C 238 1.58 16.94 11.62
C ALA C 238 1.67 17.74 10.32
N SER C 239 2.45 18.82 10.32
CA SER C 239 2.54 19.68 9.13
C SER C 239 3.10 18.94 7.91
N TYR C 240 4.01 18.00 8.13
CA TYR C 240 4.71 17.33 7.04
C TYR C 240 4.09 15.98 6.69
N ILE C 241 2.83 15.77 7.04
CA ILE C 241 2.11 14.53 6.74
C ILE C 241 1.00 14.86 5.75
N ALA C 242 1.02 14.20 4.60
CA ALA C 242 0.04 14.47 3.55
C ALA C 242 -0.26 13.18 2.79
N GLY C 243 -1.56 12.91 2.59
CA GLY C 243 -1.99 11.70 1.90
C GLY C 243 -1.85 10.42 2.71
N ALA C 244 -1.65 10.52 4.01
CA ALA C 244 -1.40 9.35 4.84
C ALA C 244 -2.68 8.73 5.35
N VAL C 245 -2.62 7.42 5.59
CA VAL C 245 -3.69 6.69 6.29
C VAL C 245 -3.14 6.33 7.65
N ILE C 246 -3.79 6.83 8.70
CA ILE C 246 -3.42 6.48 10.07
C ILE C 246 -4.39 5.40 10.55
N PRO C 247 -3.98 4.14 10.62
CA PRO C 247 -4.92 3.08 11.03
C PRO C 247 -5.01 3.02 12.55
N VAL C 248 -6.24 3.09 13.06
CA VAL C 248 -6.50 2.96 14.49
C VAL C 248 -7.37 1.71 14.65
N ASP C 249 -6.72 0.55 14.59
CA ASP C 249 -7.46 -0.70 14.39
C ASP C 249 -6.83 -1.89 15.08
N GLY C 250 -5.90 -1.67 16.03
CA GLY C 250 -5.28 -2.78 16.72
C GLY C 250 -4.49 -3.72 15.83
N GLY C 251 -4.09 -3.26 14.64
CA GLY C 251 -3.36 -4.07 13.68
C GLY C 251 -4.24 -4.84 12.71
N MET C 252 -5.56 -4.68 12.78
CA MET C 252 -6.45 -5.54 12.00
C MET C 252 -6.17 -5.46 10.50
N GLY C 253 -5.90 -4.25 9.99
CA GLY C 253 -5.83 -4.07 8.56
C GLY C 253 -4.48 -4.25 7.92
N MET C 254 -3.48 -4.77 8.64
CA MET C 254 -2.14 -4.91 8.09
C MET C 254 -2.15 -5.75 6.83
N GLY C 255 -1.53 -5.22 5.77
CA GLY C 255 -1.44 -5.96 4.53
C GLY C 255 -1.05 -5.04 3.38
N HIS C 256 -1.49 -5.43 2.19
CA HIS C 256 -1.15 -4.64 1.00
C HIS C 256 -2.21 -4.87 -0.06
N ALA D 15 -15.60 8.38 30.36
CA ALA D 15 -14.60 8.62 29.32
C ALA D 15 -13.96 10.00 29.45
N THR D 16 -12.64 10.05 29.31
CA THR D 16 -11.91 11.31 29.37
C THR D 16 -12.06 12.05 28.05
N ALA D 17 -12.44 13.33 28.12
CA ALA D 17 -12.64 14.11 26.89
C ALA D 17 -11.32 14.49 26.25
N GLY D 18 -10.34 14.91 27.04
CA GLY D 18 -9.12 15.49 26.53
C GLY D 18 -7.97 14.50 26.45
N ARG D 19 -6.79 15.05 26.23
CA ARG D 19 -5.58 14.23 26.12
C ARG D 19 -5.42 13.36 27.36
N PRO D 20 -5.19 12.06 27.20
CA PRO D 20 -5.04 11.18 28.37
C PRO D 20 -3.92 11.65 29.27
N ALA D 21 -4.02 11.29 30.55
CA ALA D 21 -3.00 11.68 31.51
C ALA D 21 -1.65 11.13 31.06
N PHE D 22 -0.63 11.98 31.12
CA PHE D 22 0.70 11.55 30.66
C PHE D 22 1.27 10.49 31.59
N VAL D 23 1.95 9.50 31.00
CA VAL D 23 2.72 8.51 31.75
C VAL D 23 4.17 8.59 31.30
N SER D 24 5.07 8.77 32.27
CA SER D 24 6.50 8.87 31.98
C SER D 24 7.09 7.48 31.72
N ARG D 25 7.60 7.28 30.52
CA ARG D 25 8.13 5.99 30.11
C ARG D 25 9.65 6.00 30.10
N SER D 26 10.24 4.83 30.34
CA SER D 26 11.66 4.62 30.11
C SER D 26 11.89 4.46 28.61
N VAL D 27 12.63 5.39 28.02
CA VAL D 27 12.87 5.45 26.58
C VAL D 27 14.34 5.16 26.29
N LEU D 28 14.60 4.38 25.24
CA LEU D 28 15.94 4.28 24.66
C LEU D 28 15.84 4.65 23.19
N VAL D 29 16.66 5.60 22.76
CA VAL D 29 16.73 5.99 21.35
C VAL D 29 18.08 5.55 20.82
N THR D 30 18.11 4.50 20.00
CA THR D 30 19.37 4.16 19.35
C THR D 30 19.63 5.16 18.23
N GLY D 31 20.90 5.48 18.01
CA GLY D 31 21.19 6.59 17.11
C GLY D 31 20.61 7.90 17.60
N GLY D 32 20.48 8.06 18.91
CA GLY D 32 19.92 9.25 19.51
C GLY D 32 20.93 10.30 19.93
N ASN D 33 22.20 10.14 19.57
CA ASN D 33 23.22 11.08 20.02
C ASN D 33 23.46 12.24 19.05
N ARG D 34 22.91 12.20 17.84
CA ARG D 34 23.07 13.31 16.92
C ARG D 34 21.91 13.32 15.94
N GLY D 35 21.77 14.43 15.23
CA GLY D 35 20.87 14.53 14.09
C GLY D 35 19.41 14.28 14.46
N ILE D 36 18.72 13.53 13.60
CA ILE D 36 17.30 13.26 13.79
C ILE D 36 17.06 12.52 15.10
N GLY D 37 17.89 11.53 15.41
CA GLY D 37 17.69 10.79 16.65
C GLY D 37 17.82 11.66 17.88
N LEU D 38 18.73 12.64 17.84
CA LEU D 38 18.85 13.56 18.96
C LEU D 38 17.60 14.41 19.11
N ALA D 39 17.02 14.87 18.00
CA ALA D 39 15.77 15.61 18.09
C ALA D 39 14.66 14.73 18.65
N ILE D 40 14.60 13.47 18.23
CA ILE D 40 13.62 12.55 18.79
C ILE D 40 13.81 12.42 20.30
N ALA D 41 15.05 12.15 20.73
CA ALA D 41 15.31 11.96 22.16
C ALA D 41 14.99 13.23 22.95
N ARG D 42 15.36 14.40 22.43
CA ARG D 42 15.08 15.63 23.14
C ARG D 42 13.57 15.92 23.21
N ARG D 43 12.83 15.58 22.16
CA ARG D 43 11.38 15.77 22.21
C ARG D 43 10.76 14.85 23.25
N LEU D 44 11.14 13.58 23.25
CA LEU D 44 10.59 12.63 24.20
C LEU D 44 10.92 13.03 25.64
N ALA D 45 12.13 13.55 25.87
CA ALA D 45 12.47 14.06 27.20
C ALA D 45 11.60 15.25 27.56
N ALA D 46 11.41 16.18 26.61
CA ALA D 46 10.57 17.35 26.89
C ALA D 46 9.13 16.94 27.16
N ASP D 47 8.68 15.83 26.56
CA ASP D 47 7.34 15.32 26.83
C ASP D 47 7.18 14.87 28.27
N GLY D 48 8.29 14.56 28.94
CA GLY D 48 8.26 14.04 30.29
C GLY D 48 8.81 12.64 30.46
N HIS D 49 9.28 11.99 29.39
CA HIS D 49 9.83 10.64 29.50
C HIS D 49 11.25 10.68 30.06
N LYS D 50 11.69 9.52 30.57
CA LYS D 50 13.07 9.32 31.00
C LYS D 50 13.84 8.75 29.82
N VAL D 51 14.77 9.51 29.27
CA VAL D 51 15.33 9.25 27.95
C VAL D 51 16.82 8.92 28.06
N ALA D 52 17.20 7.78 27.47
CA ALA D 52 18.60 7.42 27.27
C ALA D 52 18.85 7.30 25.78
N VAL D 53 20.09 7.53 25.35
CA VAL D 53 20.47 7.37 23.95
C VAL D 53 21.71 6.51 23.85
N THR D 54 21.89 5.89 22.69
CA THR D 54 23.14 5.19 22.41
C THR D 54 24.14 6.11 21.73
N HIS D 55 25.40 5.67 21.72
CA HIS D 55 26.47 6.29 20.96
C HIS D 55 27.55 5.24 20.75
N ARG D 56 28.42 5.46 19.75
CA ARG D 56 29.48 4.52 19.45
C ARG D 56 30.84 4.98 19.96
N GLY D 57 30.85 5.76 21.03
CA GLY D 57 32.09 6.19 21.67
C GLY D 57 32.28 7.69 21.73
N SER D 58 31.56 8.46 20.91
CA SER D 58 31.73 9.91 20.99
C SER D 58 30.90 10.53 22.10
N GLY D 59 30.05 9.73 22.75
CA GLY D 59 29.29 10.17 23.90
C GLY D 59 27.98 10.83 23.51
N ALA D 60 27.09 10.89 24.49
CA ALA D 60 25.86 11.63 24.31
C ALA D 60 26.10 13.11 24.61
N PRO D 61 25.27 14.00 24.07
CA PRO D 61 25.34 15.40 24.49
C PRO D 61 25.02 15.48 25.97
N ASP D 62 25.50 16.57 26.60
CA ASP D 62 25.48 16.66 28.05
C ASP D 62 24.07 16.65 28.62
N ASP D 63 23.04 16.93 27.80
CA ASP D 63 21.68 17.01 28.31
C ASP D 63 21.00 15.66 28.49
N LEU D 64 21.61 14.57 28.01
CA LEU D 64 20.95 13.28 28.03
C LEU D 64 21.90 12.20 28.51
N PHE D 65 21.34 11.19 29.17
CA PHE D 65 22.09 10.01 29.57
C PHE D 65 22.44 9.17 28.35
N GLY D 66 23.70 8.78 28.23
CA GLY D 66 24.16 7.99 27.10
C GLY D 66 24.74 6.64 27.52
N VAL D 67 24.52 5.64 26.69
CA VAL D 67 25.15 4.33 26.84
C VAL D 67 25.86 3.99 25.54
N GLN D 68 27.07 3.44 25.64
CA GLN D 68 27.82 3.07 24.45
C GLN D 68 27.25 1.77 23.89
N CYS D 69 26.92 1.77 22.61
CA CYS D 69 26.30 0.58 22.04
C CYS D 69 26.40 0.61 20.52
N ASP D 70 27.10 -0.37 19.95
CA ASP D 70 27.08 -0.61 18.53
C ASP D 70 26.00 -1.65 18.24
N VAL D 71 24.98 -1.27 17.47
CA VAL D 71 23.83 -2.15 17.24
C VAL D 71 24.15 -3.33 16.33
N THR D 72 25.36 -3.41 15.79
CA THR D 72 25.79 -4.62 15.10
C THR D 72 26.29 -5.70 16.06
N ASP D 73 26.36 -5.39 17.36
CA ASP D 73 26.94 -6.27 18.35
C ASP D 73 25.84 -6.64 19.36
N SER D 74 25.35 -7.88 19.26
CA SER D 74 24.28 -8.34 20.13
C SER D 74 24.66 -8.27 21.62
N ALA D 75 25.92 -8.59 21.95
CA ALA D 75 26.33 -8.51 23.35
C ALA D 75 26.37 -7.07 23.85
N ALA D 76 26.79 -6.14 22.99
CA ALA D 76 26.75 -4.72 23.35
C ALA D 76 25.32 -4.23 23.53
N VAL D 77 24.39 -4.73 22.71
CA VAL D 77 22.98 -4.36 22.88
C VAL D 77 22.48 -4.82 24.24
N ASP D 78 22.80 -6.07 24.59
CA ASP D 78 22.42 -6.61 25.90
C ASP D 78 22.96 -5.74 27.02
N ARG D 79 24.25 -5.36 26.94
CA ARG D 79 24.86 -4.56 27.99
C ARG D 79 24.24 -3.18 28.06
N ALA D 80 23.93 -2.59 26.90
CA ALA D 80 23.30 -1.26 26.89
C ALA D 80 21.95 -1.30 27.60
N PHE D 81 21.12 -2.29 27.29
CA PHE D 81 19.80 -2.35 27.92
C PHE D 81 19.92 -2.50 29.42
N LYS D 82 20.89 -3.29 29.89
CA LYS D 82 21.09 -3.45 31.33
C LYS D 82 21.51 -2.14 31.97
N GLU D 83 22.38 -1.39 31.31
CA GLU D 83 22.81 -0.09 31.82
C GLU D 83 21.62 0.88 31.89
N VAL D 84 20.76 0.85 30.87
CA VAL D 84 19.56 1.69 30.92
C VAL D 84 18.65 1.26 32.06
N GLU D 85 18.43 -0.06 32.21
CA GLU D 85 17.59 -0.58 33.28
C GLU D 85 18.05 -0.07 34.64
N GLU D 86 19.36 -0.11 34.89
CA GLU D 86 19.88 0.32 36.18
C GLU D 86 19.77 1.83 36.36
N HIS D 87 19.64 2.58 35.28
CA HIS D 87 19.56 4.03 35.34
C HIS D 87 18.12 4.52 35.54
N GLN D 88 17.16 3.91 34.84
CA GLN D 88 15.82 4.50 34.78
C GLN D 88 14.71 3.45 34.67
N GLY D 89 15.00 2.18 34.91
CA GLY D 89 14.02 1.13 34.75
C GLY D 89 14.06 0.54 33.34
N PRO D 90 13.49 -0.66 33.19
CA PRO D 90 13.55 -1.32 31.88
C PRO D 90 12.87 -0.50 30.79
N VAL D 91 13.42 -0.63 29.58
CA VAL D 91 12.93 0.15 28.44
C VAL D 91 11.48 -0.21 28.16
N GLU D 92 10.63 0.83 28.12
CA GLU D 92 9.23 0.69 27.75
C GLU D 92 8.94 1.16 26.33
N VAL D 93 9.74 2.11 25.84
CA VAL D 93 9.59 2.68 24.51
C VAL D 93 10.97 2.63 23.88
N LEU D 94 11.13 1.83 22.83
CA LEU D 94 12.37 1.71 22.07
C LEU D 94 12.18 2.45 20.77
N VAL D 95 13.06 3.40 20.48
CA VAL D 95 13.08 4.09 19.20
C VAL D 95 14.37 3.69 18.48
N ALA D 96 14.24 2.92 17.41
CA ALA D 96 15.41 2.40 16.69
C ALA D 96 15.71 3.35 15.54
N ASN D 97 16.61 4.31 15.79
CA ASN D 97 17.03 5.27 14.79
C ASN D 97 18.43 5.04 14.25
N ALA D 98 19.22 4.17 14.90
CA ALA D 98 20.57 3.91 14.42
C ALA D 98 20.51 3.40 12.98
N GLY D 99 21.27 4.04 12.11
CA GLY D 99 21.24 3.66 10.71
C GLY D 99 22.34 4.37 9.94
N ILE D 100 22.71 3.77 8.83
CA ILE D 100 23.69 4.32 7.91
C ILE D 100 23.14 4.20 6.49
N SER D 101 23.75 4.95 5.58
CA SER D 101 23.51 4.76 4.16
C SER D 101 24.84 4.60 3.44
N LYS D 102 24.86 3.70 2.46
CA LYS D 102 26.02 3.47 1.58
C LYS D 102 25.43 3.25 0.18
N ASP D 103 25.04 4.36 -0.45
CA ASP D 103 24.35 4.28 -1.74
C ASP D 103 25.32 3.85 -2.84
N ALA D 104 24.75 3.27 -3.90
CA ALA D 104 25.48 2.93 -5.10
C ALA D 104 24.49 2.50 -6.16
N PHE D 105 24.85 2.75 -7.42
CA PHE D 105 24.16 2.10 -8.53
C PHE D 105 24.19 0.59 -8.30
N LEU D 106 23.09 -0.08 -8.68
CA LEU D 106 23.01 -1.54 -8.48
C LEU D 106 24.25 -2.25 -9.00
N MET D 107 24.68 -1.94 -10.23
CA MET D 107 25.81 -2.67 -10.81
C MET D 107 27.10 -2.46 -10.01
N ARG D 108 27.22 -1.33 -9.32
CA ARG D 108 28.43 -1.01 -8.55
C ARG D 108 28.36 -1.48 -7.10
N MET D 109 27.18 -1.84 -6.60
CA MET D 109 27.03 -2.10 -5.17
C MET D 109 27.63 -3.46 -4.83
N THR D 110 28.51 -3.47 -3.83
CA THR D 110 29.19 -4.69 -3.42
C THR D 110 28.42 -5.41 -2.34
N GLU D 111 28.74 -6.69 -2.16
CA GLU D 111 28.20 -7.46 -1.05
C GLU D 111 28.44 -6.75 0.28
N GLU D 112 29.66 -6.23 0.47
CA GLU D 112 30.00 -5.56 1.72
C GLU D 112 29.11 -4.34 1.95
N ARG D 113 28.95 -3.51 0.93
CA ARG D 113 28.13 -2.29 1.05
C ARG D 113 26.67 -2.64 1.33
N PHE D 114 26.16 -3.69 0.68
CA PHE D 114 24.79 -4.13 0.98
C PHE D 114 24.69 -4.65 2.41
N GLU D 115 25.57 -5.56 2.80
CA GLU D 115 25.42 -6.22 4.09
C GLU D 115 25.64 -5.25 5.26
N GLU D 116 26.52 -4.26 5.09
CA GLU D 116 26.76 -3.30 6.16
C GLU D 116 25.50 -2.53 6.49
N VAL D 117 24.78 -2.07 5.46
CA VAL D 117 23.54 -1.33 5.70
C VAL D 117 22.46 -2.24 6.27
N ILE D 118 22.35 -3.47 5.77
CA ILE D 118 21.39 -4.40 6.36
C ILE D 118 21.72 -4.66 7.83
N ASN D 119 23.00 -4.88 8.14
CA ASN D 119 23.36 -5.30 9.49
C ASN D 119 23.08 -4.20 10.51
N THR D 120 23.35 -2.95 10.18
CA THR D 120 23.03 -1.84 11.07
C THR D 120 21.54 -1.53 11.08
N ASN D 121 20.96 -1.31 9.90
CA ASN D 121 19.64 -0.71 9.81
C ASN D 121 18.52 -1.69 10.06
N LEU D 122 18.68 -2.95 9.66
CA LEU D 122 17.62 -3.95 9.80
C LEU D 122 17.92 -4.90 10.94
N THR D 123 19.05 -5.62 10.85
CA THR D 123 19.38 -6.57 11.90
C THR D 123 19.65 -5.84 13.21
N GLY D 124 20.27 -4.67 13.14
CA GLY D 124 20.48 -3.89 14.36
C GLY D 124 19.18 -3.49 15.03
N ALA D 125 18.17 -3.14 14.23
CA ALA D 125 16.86 -2.84 14.81
C ALA D 125 16.26 -4.08 15.44
N PHE D 126 16.41 -5.23 14.78
CA PHE D 126 15.95 -6.48 15.36
C PHE D 126 16.63 -6.76 16.70
N ARG D 127 17.96 -6.65 16.75
CA ARG D 127 18.68 -6.94 17.99
C ARG D 127 18.10 -6.15 19.15
N CYS D 128 17.78 -4.87 18.91
CA CYS D 128 17.24 -4.03 19.96
C CYS D 128 15.79 -4.40 20.29
N ALA D 129 14.95 -4.63 19.28
CA ALA D 129 13.58 -5.05 19.54
C ALA D 129 13.54 -6.38 20.27
N GLN D 130 14.40 -7.33 19.87
CA GLN D 130 14.42 -8.62 20.54
C GLN D 130 14.81 -8.46 22.01
N ARG D 131 15.83 -7.65 22.29
CA ARG D 131 16.28 -7.48 23.66
C ARG D 131 15.25 -6.74 24.52
N ALA D 132 14.46 -5.85 23.91
CA ALA D 132 13.45 -5.13 24.66
C ALA D 132 12.24 -5.99 25.01
N SER D 133 12.01 -7.07 24.24
CA SER D 133 10.72 -7.74 24.23
C SER D 133 10.39 -8.43 25.55
N ARG D 134 11.39 -9.02 26.22
CA ARG D 134 11.10 -9.83 27.40
C ARG D 134 10.35 -9.04 28.47
N THR D 135 10.88 -7.88 28.86
CA THR D 135 10.24 -7.16 29.95
C THR D 135 8.98 -6.44 29.47
N MET D 136 8.96 -6.01 28.20
CA MET D 136 7.74 -5.43 27.64
C MET D 136 6.59 -6.42 27.73
N GLN D 137 6.85 -7.68 27.35
CA GLN D 137 5.83 -8.72 27.43
C GLN D 137 5.42 -8.99 28.88
N ARG D 138 6.39 -9.01 29.79
CA ARG D 138 6.08 -9.27 31.20
C ARG D 138 5.21 -8.16 31.79
N LYS D 139 5.53 -6.91 31.48
CA LYS D 139 4.78 -5.78 32.00
C LYS D 139 3.52 -5.51 31.20
N ARG D 140 3.33 -6.23 30.10
CA ARG D 140 2.18 -6.03 29.22
C ARG D 140 2.11 -4.61 28.66
N PHE D 141 3.27 -4.05 28.35
CA PHE D 141 3.33 -2.75 27.69
C PHE D 141 4.64 -2.65 26.93
N GLY D 142 4.55 -2.20 25.68
CA GLY D 142 5.77 -1.89 24.97
C GLY D 142 5.48 -1.11 23.72
N ARG D 143 6.37 -0.19 23.34
N ARG D 143 6.33 -0.15 23.40
CA ARG D 143 6.24 0.55 22.09
CA ARG D 143 6.30 0.54 22.12
C ARG D 143 7.58 0.48 21.36
C ARG D 143 7.65 0.32 21.46
N ILE D 144 7.63 -0.33 20.30
CA ILE D 144 8.81 -0.49 19.48
C ILE D 144 8.57 0.39 18.25
N ILE D 145 9.38 1.43 18.09
CA ILE D 145 9.17 2.44 17.06
C ILE D 145 10.41 2.41 16.17
N PHE D 146 10.27 1.83 14.99
CA PHE D 146 11.35 1.82 14.02
C PHE D 146 11.32 3.12 13.22
N ILE D 147 12.49 3.69 12.98
CA ILE D 147 12.60 4.81 12.06
C ILE D 147 12.96 4.23 10.70
N GLY D 148 11.99 4.22 9.79
CA GLY D 148 12.20 3.74 8.44
C GLY D 148 12.61 4.84 7.50
N SER D 149 12.05 4.80 6.28
CA SER D 149 12.34 5.84 5.29
C SER D 149 11.29 5.75 4.20
N VAL D 150 11.00 6.91 3.58
CA VAL D 150 10.22 6.91 2.35
C VAL D 150 10.78 5.93 1.34
N SER D 151 12.10 5.70 1.36
CA SER D 151 12.72 4.82 0.37
C SER D 151 12.22 3.37 0.48
N GLY D 152 11.80 2.94 1.66
CA GLY D 152 11.36 1.56 1.83
C GLY D 152 10.22 1.18 0.90
N MET D 153 9.22 2.04 0.75
CA MET D 153 8.09 1.76 -0.13
C MET D 153 8.12 2.55 -1.42
N TRP D 154 8.91 3.63 -1.50
CA TRP D 154 8.96 4.46 -2.70
C TRP D 154 10.12 4.08 -3.61
N GLY D 155 11.19 3.54 -3.03
CA GLY D 155 12.35 3.12 -3.80
C GLY D 155 13.18 4.25 -4.37
N ILE D 156 13.87 5.02 -3.51
CA ILE D 156 14.85 5.96 -4.05
C ILE D 156 15.90 5.16 -4.79
N GLY D 157 16.29 5.63 -5.97
CA GLY D 157 17.32 4.96 -6.73
C GLY D 157 18.66 4.96 -6.03
N ASN D 158 19.48 3.97 -6.38
CA ASN D 158 20.83 3.78 -5.84
C ASN D 158 20.82 3.31 -4.39
N GLN D 159 19.73 2.68 -3.96
CA GLN D 159 19.53 2.34 -2.56
C GLN D 159 18.98 0.93 -2.42
N ALA D 160 19.50 -0.01 -3.22
CA ALA D 160 19.03 -1.39 -3.09
C ALA D 160 19.17 -1.87 -1.66
N ASN D 161 20.25 -1.48 -0.98
CA ASN D 161 20.47 -1.86 0.41
C ASN D 161 19.60 -1.06 1.39
N TYR D 162 19.61 0.27 1.28
CA TYR D 162 18.87 1.10 2.22
C TYR D 162 17.36 0.88 2.10
N ALA D 163 16.84 0.83 0.87
CA ALA D 163 15.42 0.56 0.69
C ALA D 163 15.05 -0.82 1.20
N ALA D 164 15.91 -1.82 0.96
CA ALA D 164 15.63 -3.16 1.48
C ALA D 164 15.56 -3.15 2.99
N ALA D 165 16.53 -2.51 3.65
CA ALA D 165 16.54 -2.45 5.11
C ALA D 165 15.32 -1.73 5.64
N LYS D 166 14.97 -0.60 5.03
CA LYS D 166 13.89 0.22 5.58
C LYS D 166 12.51 -0.38 5.31
N ALA D 167 12.36 -1.11 4.21
CA ALA D 167 11.13 -1.87 4.02
C ALA D 167 11.07 -3.09 4.93
N GLY D 168 12.23 -3.71 5.18
CA GLY D 168 12.26 -4.85 6.09
C GLY D 168 11.74 -4.50 7.48
N LEU D 169 11.93 -3.25 7.90
CA LEU D 169 11.41 -2.82 9.20
C LEU D 169 9.90 -2.92 9.23
N ILE D 170 9.24 -2.67 8.10
CA ILE D 170 7.79 -2.77 8.04
C ILE D 170 7.34 -4.21 8.26
N GLY D 171 7.93 -5.15 7.53
CA GLY D 171 7.58 -6.55 7.74
C GLY D 171 7.86 -6.99 9.17
N MET D 172 9.02 -6.62 9.70
CA MET D 172 9.33 -6.96 11.09
C MET D 172 8.32 -6.36 12.06
N ALA D 173 7.97 -5.09 11.86
CA ALA D 173 7.02 -4.44 12.77
C ALA D 173 5.68 -5.14 12.73
N ARG D 174 5.28 -5.60 11.55
CA ARG D 174 3.98 -6.25 11.43
C ARG D 174 3.97 -7.65 12.04
N SER D 175 5.04 -8.43 11.85
CA SER D 175 5.13 -9.73 12.49
C SER D 175 5.18 -9.60 14.01
N ILE D 176 5.95 -8.63 14.52
CA ILE D 176 5.99 -8.42 15.97
C ILE D 176 4.62 -8.03 16.50
N SER D 177 3.94 -7.12 15.78
CA SER D 177 2.62 -6.68 16.23
C SER D 177 1.61 -7.81 16.19
N ARG D 178 1.62 -8.61 15.14
CA ARG D 178 0.67 -9.71 15.08
C ARG D 178 0.87 -10.68 16.24
N GLU D 179 2.13 -10.89 16.66
CA GLU D 179 2.40 -11.79 17.78
C GLU D 179 2.05 -11.17 19.13
N LEU D 180 2.42 -9.90 19.35
CA LEU D 180 2.49 -9.33 20.68
C LEU D 180 1.50 -8.21 20.97
N ALA D 181 0.72 -7.76 19.98
CA ALA D 181 -0.24 -6.70 20.28
C ALA D 181 -1.25 -7.11 21.35
N LYS D 182 -1.59 -8.40 21.42
CA LYS D 182 -2.50 -8.88 22.44
C LYS D 182 -1.92 -8.77 23.83
N ALA D 183 -0.60 -8.67 23.95
CA ALA D 183 0.07 -8.48 25.23
C ALA D 183 0.40 -7.01 25.49
N GLY D 184 -0.16 -6.10 24.69
CA GLY D 184 0.07 -4.68 24.88
C GLY D 184 1.36 -4.15 24.29
N VAL D 185 2.00 -4.92 23.41
CA VAL D 185 3.28 -4.55 22.82
C VAL D 185 3.05 -4.35 21.33
N THR D 186 3.30 -3.14 20.84
CA THR D 186 3.10 -2.83 19.43
C THR D 186 4.40 -2.38 18.78
N ALA D 187 4.48 -2.57 17.48
CA ALA D 187 5.62 -2.12 16.69
C ALA D 187 5.10 -1.35 15.50
N ASN D 188 5.65 -0.16 15.29
CA ASN D 188 5.24 0.74 14.22
C ASN D 188 6.48 1.36 13.60
N VAL D 189 6.28 1.98 12.44
CA VAL D 189 7.36 2.58 11.69
C VAL D 189 7.03 4.04 11.43
N VAL D 190 7.97 4.93 11.72
CA VAL D 190 7.91 6.30 11.22
C VAL D 190 8.82 6.37 10.01
N ALA D 191 8.29 6.81 8.87
CA ALA D 191 9.04 6.80 7.61
C ALA D 191 9.31 8.23 7.14
N PRO D 192 10.44 8.84 7.51
CA PRO D 192 10.72 10.20 7.04
C PRO D 192 11.07 10.24 5.56
N GLY D 193 10.76 11.38 4.95
CA GLY D 193 11.26 11.70 3.63
C GLY D 193 12.59 12.42 3.73
N TYR D 194 12.75 13.53 3.00
CA TYR D 194 13.95 14.34 3.09
C TYR D 194 13.83 15.28 4.27
N ILE D 195 14.77 15.18 5.21
CA ILE D 195 14.74 15.93 6.46
C ILE D 195 15.99 16.81 6.55
N ASP D 196 15.82 18.03 7.05
CA ASP D 196 16.85 19.05 6.97
C ASP D 196 18.16 18.62 7.61
N THR D 197 18.08 18.03 8.82
CA THR D 197 19.31 17.68 9.53
C THR D 197 20.13 16.61 8.81
N GLU D 198 19.52 15.87 7.88
CA GLU D 198 20.19 14.79 7.17
C GLU D 198 20.60 15.17 5.75
N MET D 199 20.38 16.41 5.34
CA MET D 199 20.72 16.84 3.98
C MET D 199 22.23 16.93 3.79
N LEU D 212 12.80 17.47 -5.45
CA LEU D 212 11.83 18.34 -4.81
C LEU D 212 10.51 18.33 -5.57
N ASP D 213 10.60 18.13 -6.89
CA ASP D 213 9.39 17.96 -7.69
C ASP D 213 8.57 16.76 -7.24
N PHE D 214 9.21 15.77 -6.63
CA PHE D 214 8.52 14.61 -6.11
C PHE D 214 7.89 14.82 -4.74
N ILE D 215 8.08 15.99 -4.12
CA ILE D 215 7.56 16.25 -2.79
C ILE D 215 6.38 17.21 -2.93
N PRO D 216 5.15 16.76 -2.72
CA PRO D 216 4.01 17.69 -2.83
C PRO D 216 4.14 18.94 -1.96
N ALA D 217 4.70 18.80 -0.76
CA ALA D 217 4.84 19.96 0.12
C ALA D 217 5.84 20.98 -0.40
N LYS D 218 6.70 20.59 -1.34
CA LYS D 218 7.69 21.50 -1.96
C LYS D 218 8.65 22.07 -0.93
N ARG D 219 9.02 21.24 0.05
CA ARG D 219 10.01 21.61 1.06
C ARG D 219 10.52 20.33 1.71
N VAL D 220 11.71 20.43 2.29
CA VAL D 220 12.20 19.36 3.16
C VAL D 220 11.51 19.48 4.52
N GLY D 221 11.50 18.37 5.25
CA GLY D 221 10.96 18.39 6.60
C GLY D 221 12.04 18.70 7.62
N THR D 222 11.61 18.87 8.87
CA THR D 222 12.57 19.11 9.95
C THR D 222 12.66 17.89 10.85
N ALA D 223 13.79 17.78 11.56
CA ALA D 223 13.96 16.70 12.53
C ALA D 223 12.89 16.76 13.59
N GLU D 224 12.47 17.97 13.97
CA GLU D 224 11.42 18.13 14.98
C GLU D 224 10.08 17.64 14.49
N GLU D 225 9.83 17.67 13.17
CA GLU D 225 8.59 17.09 12.65
C GLU D 225 8.61 15.57 12.74
N VAL D 226 9.76 14.94 12.45
CA VAL D 226 9.88 13.51 12.70
C VAL D 226 9.68 13.20 14.17
N ALA D 227 10.29 14.01 15.04
CA ALA D 227 10.16 13.81 16.47
C ALA D 227 8.72 13.92 16.94
N GLY D 228 7.93 14.80 16.31
CA GLY D 228 6.52 14.88 16.67
C GLY D 228 5.75 13.60 16.39
N ALA D 229 6.06 12.92 15.28
CA ALA D 229 5.39 11.66 14.99
C ALA D 229 5.81 10.59 15.99
N VAL D 230 7.10 10.56 16.36
CA VAL D 230 7.56 9.61 17.38
C VAL D 230 6.90 9.89 18.71
N SER D 231 6.78 11.17 19.08
CA SER D 231 6.09 11.56 20.31
C SER D 231 4.68 11.00 20.34
N PHE D 232 3.94 11.15 19.24
CA PHE D 232 2.61 10.59 19.14
C PHE D 232 2.63 9.08 19.37
N LEU D 233 3.50 8.36 18.65
CA LEU D 233 3.53 6.90 18.77
C LEU D 233 3.99 6.42 20.13
N ALA D 234 4.68 7.26 20.90
CA ALA D 234 5.09 6.91 22.25
C ALA D 234 4.05 7.30 23.30
N SER D 235 2.97 7.96 22.89
CA SER D 235 2.05 8.61 23.82
C SER D 235 0.89 7.69 24.17
N GLU D 236 0.05 8.16 25.08
CA GLU D 236 -1.17 7.44 25.44
C GLU D 236 -2.26 7.55 24.38
N ASP D 237 -1.98 8.26 23.28
CA ASP D 237 -2.93 8.36 22.17
C ASP D 237 -2.68 7.33 21.07
N ALA D 238 -1.74 6.39 21.25
CA ALA D 238 -1.38 5.48 20.16
C ALA D 238 -1.46 4.01 20.56
N SER D 239 -2.24 3.70 21.61
CA SER D 239 -2.29 2.32 22.09
C SER D 239 -2.90 1.36 21.06
N TYR D 240 -3.82 1.84 20.22
CA TYR D 240 -4.54 0.99 19.29
C TYR D 240 -3.95 1.02 17.89
N ILE D 241 -2.68 1.41 17.77
CA ILE D 241 -2.01 1.51 16.48
C ILE D 241 -0.89 0.48 16.49
N ALA D 242 -0.91 -0.44 15.52
CA ALA D 242 0.07 -1.53 15.50
C ALA D 242 0.34 -1.89 14.05
N GLY D 243 1.62 -1.98 13.69
CA GLY D 243 1.98 -2.34 12.33
C GLY D 243 1.86 -1.21 11.32
N ALA D 244 1.65 0.02 11.77
CA ALA D 244 1.42 1.13 10.87
C ALA D 244 2.72 1.75 10.40
N VAL D 245 2.66 2.37 9.23
CA VAL D 245 3.73 3.22 8.72
C VAL D 245 3.21 4.65 8.76
N ILE D 246 3.86 5.50 9.55
CA ILE D 246 3.50 6.91 9.62
C ILE D 246 4.49 7.69 8.75
N PRO D 247 4.07 8.16 7.57
CA PRO D 247 5.01 8.86 6.69
C PRO D 247 5.13 10.32 7.08
N VAL D 248 6.36 10.79 7.20
CA VAL D 248 6.65 12.19 7.51
C VAL D 248 7.51 12.70 6.36
N ASP D 249 6.86 12.99 5.23
CA ASP D 249 7.59 13.15 3.98
C ASP D 249 6.94 14.19 3.06
N GLY D 250 6.02 15.00 3.54
CA GLY D 250 5.41 15.99 2.69
C GLY D 250 4.58 15.42 1.56
N GLY D 251 4.16 14.16 1.68
CA GLY D 251 3.43 13.47 0.65
C GLY D 251 4.29 12.73 -0.36
N MET D 252 5.61 12.74 -0.21
CA MET D 252 6.48 12.21 -1.26
C MET D 252 6.16 10.76 -1.59
N GLY D 253 5.88 9.95 -0.57
CA GLY D 253 5.77 8.53 -0.77
C GLY D 253 4.40 7.99 -1.14
N MET D 254 3.42 8.85 -1.41
CA MET D 254 2.08 8.38 -1.71
C MET D 254 2.09 7.40 -2.87
N GLY D 255 1.45 6.25 -2.68
CA GLY D 255 1.39 5.28 -3.75
C GLY D 255 0.96 3.92 -3.23
N HIS D 256 1.36 2.88 -3.96
CA HIS D 256 1.03 1.53 -3.56
C HIS D 256 2.10 0.59 -4.06
#